data_7WHZ
#
_entry.id   7WHZ
#
_cell.length_a   1.00
_cell.length_b   1.00
_cell.length_c   1.00
_cell.angle_alpha   90.00
_cell.angle_beta   90.00
_cell.angle_gamma   90.00
#
_symmetry.space_group_name_H-M   'P 1'
#
loop_
_entity.id
_entity.type
_entity.pdbx_description
1 polymer 'Spike protein S1'
2 polymer 'XMA04 heavy chain variable domain'
3 polymer 'XMA01 heavy chain variable domain'
4 polymer 'IGL c4029_light_IGKV1-39_IGKJ2'
5 polymer 'IG c934_light_IGKV1-5_IGKJ1'
6 polymer 'XMA09 heavy chain variable domain'
7 polymer 'IG c1437_light_IGLV1-40_IGLJ1'
8 non-polymer 2-acetamido-2-deoxy-beta-D-glucopyranose
#
loop_
_entity_poly.entity_id
_entity_poly.type
_entity_poly.pdbx_seq_one_letter_code
_entity_poly.pdbx_strand_id
1 'polypeptide(L)'
;TNLCPFGEVFNATRFASVYAWNRKRISNCVADYSVLYNSASFSTFKCYGVSPTKLNDLCFTNVYADSFVIRGDEVRQIAP
GQTGKIADYNYKLPDDFTGCVIAWNSNNLDSKVGGNYNYLYRLFRKSNLKPFERDISTEIYQAGSTPCNGVEGFNCYFPL
QSYGFQPTNGVGYQPYRVVVLSFELLHAPATVCGP
;
A
2 'polypeptide(L)'
;EVQLVESGGGVVQPGRSLRLSCAASGFTFRTYAMHWVRQAPGKGLEWVAVMWNDGSNKYYADSVKGRFTISRDNSKNTLY
LEMNSLRAEDTAVYYCAREGVAAAGSSSDAFDIWGQGTMVTVSS
;
B
3 'polypeptide(L)'
;EVQLVESGGGLVQPGGSLRLSCSASGFTFSSYAMHWVRQAPGKGLEYVSSISSNGGSTYYADSVKGRFTISRDNSKNTLY
LQMSSLRVEDAAVYYCVKHYQQQLLWGGPDVWGQGTTVTVSS
;
C
4 'polypeptide(L)'
;DIQMTQSPSSLSASVGDRVTITCRASQSISNFLNWYQQKPGKAPKLLIYAASSLQSGVPSRFSGSGSGTDFTLTISSLQP
EDFATYYCQQSYSTLYSFGQGTKLEIK
;
D
5 'polypeptide(L)'
;DIQMTQSPVSLSASVGDRVTITCRASQSISTWLAWYQQKPGKAPKLLIYETSSLESGVPSRFSGSGSGTEFTLTISSLQP
DDFATYYCQQFNSYPWTFGQGTKVEIK
;
E
6 'polypeptide(L)'
;QVQLVQSGAEVKKPGSSVKVSCKASGGTFSSFAISWVRQAPGQGLEWMGGIIPIYGTANYAQKFQGRVTITADESTSTAY
MDLSSLRSEDTAVYYCARDGSSTYYPHNWFDPWGQGTLVTVSS
;
H
7 'polypeptide(L)'
;QSVLTQPPSVSGAPGQRVTISCTGSSSNIGSGYDVHWYQQLPGTAPKLLIYGNSNRPSGVPDRFSGSKSGTSASLAITGL
QAEDEADYYCQSYDSSLSGVFGTGTKVTVL
;
L
#
loop_
_chem_comp.id
_chem_comp.type
_chem_comp.name
_chem_comp.formula
NAG D-saccharide, beta linking 2-acetamido-2-deoxy-beta-D-glucopyranose 'C8 H15 N O6'
#
# COMPACT_ATOMS: atom_id res chain seq x y z
N ASN A 2 30.09 2.21 -19.82
CA ASN A 2 28.88 2.42 -20.62
C ASN A 2 28.04 3.55 -20.04
N LEU A 3 26.96 3.89 -20.74
CA LEU A 3 26.05 4.93 -20.27
C LEU A 3 25.20 4.40 -19.11
N CYS A 4 24.99 5.26 -18.12
CA CYS A 4 24.30 4.86 -16.90
C CYS A 4 22.80 4.75 -17.14
N PRO A 5 22.16 3.68 -16.64
CA PRO A 5 20.72 3.49 -16.88
C PRO A 5 19.85 4.35 -15.99
N PHE A 6 19.68 5.61 -16.36
CA PHE A 6 18.72 6.46 -15.67
C PHE A 6 17.39 6.55 -16.41
N GLY A 7 17.34 6.08 -17.66
CA GLY A 7 16.09 6.07 -18.40
C GLY A 7 15.10 5.05 -17.88
N GLU A 8 15.60 4.00 -17.24
CA GLU A 8 14.70 3.06 -16.57
C GLU A 8 14.23 3.59 -15.23
N VAL A 9 14.88 4.62 -14.70
CA VAL A 9 14.57 5.14 -13.37
C VAL A 9 13.63 6.33 -13.46
N PHE A 10 14.06 7.39 -14.13
CA PHE A 10 13.25 8.60 -14.18
C PHE A 10 12.15 8.53 -15.23
N ASN A 11 12.46 7.96 -16.41
CA ASN A 11 11.50 7.88 -17.52
C ASN A 11 10.68 6.59 -17.50
N ALA A 12 10.49 5.98 -16.33
CA ALA A 12 9.81 4.71 -16.25
C ALA A 12 8.31 4.88 -16.49
N THR A 13 7.66 3.78 -16.81
CA THR A 13 6.25 3.88 -17.16
C THR A 13 5.36 3.82 -15.93
N ARG A 14 5.86 3.27 -14.82
CA ARG A 14 5.11 3.22 -13.58
C ARG A 14 6.01 3.45 -12.39
N PHE A 15 5.51 4.22 -11.44
CA PHE A 15 6.21 4.47 -10.20
C PHE A 15 5.39 3.83 -9.08
N ALA A 16 6.08 3.27 -8.10
CA ALA A 16 5.41 2.54 -7.03
C ALA A 16 4.76 3.50 -6.05
N SER A 17 3.65 3.07 -5.45
CA SER A 17 2.99 3.88 -4.45
C SER A 17 3.85 3.96 -3.20
N VAL A 18 3.63 5.00 -2.39
CA VAL A 18 4.64 5.40 -1.41
C VAL A 18 4.70 4.43 -0.24
N TYR A 19 3.64 3.66 -0.01
CA TYR A 19 3.68 2.74 1.12
C TYR A 19 4.54 1.52 0.81
N ALA A 20 4.72 1.19 -0.47
CA ALA A 20 5.57 0.09 -0.92
C ALA A 20 6.45 0.60 -2.05
N TRP A 21 7.56 1.22 -1.70
CA TRP A 21 8.45 1.85 -2.68
C TRP A 21 9.45 0.84 -3.23
N ASN A 22 10.32 1.30 -4.13
CA ASN A 22 11.23 0.44 -4.86
C ASN A 22 12.64 0.99 -4.85
N ARG A 23 13.61 0.09 -4.69
CA ARG A 23 15.02 0.42 -4.67
C ARG A 23 15.70 -0.25 -5.85
N LYS A 24 16.44 0.52 -6.64
CA LYS A 24 17.08 0.00 -7.85
C LYS A 24 18.58 0.25 -7.78
N ARG A 25 19.36 -0.80 -7.56
CA ARG A 25 20.80 -0.64 -7.43
C ARG A 25 21.42 -0.29 -8.76
N ILE A 26 22.26 0.73 -8.77
CA ILE A 26 22.85 1.21 -10.00
C ILE A 26 24.37 1.21 -9.86
N SER A 27 25.02 0.23 -10.47
CA SER A 27 26.47 0.13 -10.46
C SER A 27 26.97 -0.04 -11.89
N ASN A 28 28.30 0.07 -12.04
CA ASN A 28 29.04 -0.05 -13.30
C ASN A 28 28.55 0.99 -14.33
N CYS A 29 28.78 2.26 -13.99
CA CYS A 29 28.29 3.35 -14.80
C CYS A 29 29.41 4.31 -15.19
N VAL A 30 29.12 5.11 -16.21
CA VAL A 30 29.78 6.37 -16.47
C VAL A 30 28.68 7.42 -16.49
N ALA A 31 28.40 8.01 -15.32
CA ALA A 31 27.20 8.80 -15.13
C ALA A 31 27.51 10.28 -15.14
N ASP A 32 26.83 11.03 -15.98
CA ASP A 32 26.94 12.48 -16.05
C ASP A 32 25.77 13.03 -15.23
N TYR A 33 26.07 13.53 -14.03
CA TYR A 33 25.06 14.09 -13.16
C TYR A 33 24.69 15.52 -13.50
N SER A 34 25.43 16.17 -14.39
CA SER A 34 25.19 17.59 -14.67
C SER A 34 24.00 17.77 -15.60
N VAL A 35 23.84 16.86 -16.57
CA VAL A 35 22.76 16.99 -17.55
C VAL A 35 21.41 16.67 -16.92
N LEU A 36 21.41 15.96 -15.79
CA LEU A 36 20.18 15.74 -15.05
C LEU A 36 19.80 16.95 -14.21
N TYR A 37 20.74 17.88 -14.00
CA TYR A 37 20.42 19.10 -13.28
C TYR A 37 19.77 20.15 -14.18
N ASN A 38 20.07 20.13 -15.48
CA ASN A 38 19.56 21.09 -16.44
C ASN A 38 18.39 20.55 -17.24
N SER A 39 17.53 19.73 -16.62
CA SER A 39 16.45 19.09 -17.36
C SER A 39 15.31 20.05 -17.63
N ALA A 40 15.24 21.16 -16.89
CA ALA A 40 14.18 22.18 -16.91
C ALA A 40 12.80 21.61 -16.61
N SER A 41 12.72 20.44 -15.96
CA SER A 41 11.47 19.85 -15.55
C SER A 41 11.41 19.52 -14.07
N PHE A 42 12.56 19.38 -13.42
CA PHE A 42 12.62 18.98 -12.02
C PHE A 42 12.32 20.18 -11.13
N SER A 43 11.22 20.10 -10.38
CA SER A 43 10.80 21.20 -9.54
C SER A 43 11.69 21.33 -8.31
N THR A 44 11.80 20.27 -7.53
CA THR A 44 12.52 20.30 -6.26
C THR A 44 13.80 19.49 -6.39
N PHE A 45 14.94 20.15 -6.23
CA PHE A 45 16.26 19.55 -6.38
C PHE A 45 17.11 20.01 -5.20
N LYS A 46 17.06 19.28 -4.09
CA LYS A 46 17.78 19.64 -2.87
C LYS A 46 18.65 18.46 -2.47
N CYS A 47 19.97 18.66 -2.49
CA CYS A 47 20.91 17.57 -2.23
C CYS A 47 21.51 17.73 -0.83
N TYR A 48 21.10 16.84 0.07
CA TYR A 48 21.66 16.77 1.41
C TYR A 48 22.99 16.02 1.36
N GLY A 49 23.84 16.30 2.35
CA GLY A 49 25.11 15.62 2.46
C GLY A 49 26.20 16.17 1.57
N VAL A 50 25.94 16.20 0.26
CA VAL A 50 26.88 16.71 -0.71
C VAL A 50 26.15 17.70 -1.62
N SER A 51 26.81 18.83 -1.91
CA SER A 51 26.26 19.95 -2.65
C SER A 51 26.07 19.59 -4.12
N PRO A 52 25.06 20.17 -4.81
CA PRO A 52 24.94 19.95 -6.25
C PRO A 52 25.98 20.70 -7.05
N THR A 53 25.91 20.56 -8.39
CA THR A 53 26.80 21.16 -9.39
C THR A 53 28.27 20.77 -9.20
N LYS A 54 28.55 19.72 -8.45
CA LYS A 54 29.90 19.18 -8.33
C LYS A 54 29.93 17.67 -8.26
N LEU A 55 28.84 16.98 -8.61
CA LEU A 55 28.78 15.53 -8.53
C LEU A 55 29.59 14.85 -9.63
N ASN A 56 29.99 15.58 -10.67
CA ASN A 56 30.77 14.98 -11.75
C ASN A 56 32.20 14.67 -11.33
N ASP A 57 32.66 15.18 -10.19
CA ASP A 57 34.01 14.93 -9.70
C ASP A 57 33.99 14.08 -8.42
N LEU A 58 33.01 13.20 -8.28
CA LEU A 58 32.95 12.29 -7.15
C LEU A 58 32.44 10.91 -7.55
N CYS A 59 33.17 9.87 -7.15
CA CYS A 59 32.62 8.51 -7.20
C CYS A 59 32.34 7.75 -5.93
N PHE A 60 31.40 6.83 -6.04
CA PHE A 60 30.74 6.18 -4.93
C PHE A 60 30.80 4.68 -5.21
N THR A 61 30.38 3.87 -4.24
CA THR A 61 30.37 2.43 -4.45
C THR A 61 29.12 1.97 -5.18
N ASN A 62 27.94 2.31 -4.67
CA ASN A 62 26.66 2.05 -5.28
C ASN A 62 25.58 3.08 -5.10
N VAL A 63 24.67 3.17 -6.07
CA VAL A 63 23.64 4.20 -6.12
C VAL A 63 22.32 3.45 -6.02
N TYR A 64 21.48 3.83 -5.06
CA TYR A 64 20.19 3.18 -4.86
C TYR A 64 19.11 4.26 -4.89
N ALA A 65 18.30 4.25 -5.93
CA ALA A 65 17.30 5.30 -6.17
C ALA A 65 15.94 4.82 -5.66
N ASP A 66 15.58 5.26 -4.46
CA ASP A 66 14.26 4.96 -3.90
C ASP A 66 13.24 5.86 -4.58
N SER A 67 12.30 5.27 -5.32
CA SER A 67 11.35 6.04 -6.11
C SER A 67 9.91 5.74 -5.71
N PHE A 68 9.08 6.78 -5.65
CA PHE A 68 7.67 6.65 -5.32
C PHE A 68 6.92 7.87 -5.84
N VAL A 69 5.67 8.01 -5.43
CA VAL A 69 4.80 9.08 -5.94
C VAL A 69 3.87 9.56 -4.83
N ILE A 70 3.80 10.89 -4.66
CA ILE A 70 3.02 11.54 -3.62
C ILE A 70 2.40 12.80 -4.19
N ARG A 71 1.47 13.40 -3.44
CA ARG A 71 0.81 14.62 -3.89
C ARG A 71 1.72 15.84 -3.69
N GLY A 72 1.14 17.02 -3.92
CA GLY A 72 1.96 18.22 -3.98
C GLY A 72 2.40 18.74 -2.63
N ASP A 73 1.50 18.74 -1.65
CA ASP A 73 1.88 19.21 -0.32
C ASP A 73 2.64 18.20 0.48
N GLU A 74 3.19 17.13 -0.07
CA GLU A 74 3.93 16.17 0.71
C GLU A 74 5.38 15.99 0.27
N VAL A 75 5.85 16.77 -0.69
CA VAL A 75 7.25 16.68 -1.11
C VAL A 75 8.18 17.19 -0.02
N ARG A 76 7.68 18.08 0.84
CA ARG A 76 8.51 18.57 1.93
C ARG A 76 8.72 17.53 3.01
N GLN A 77 7.91 16.47 3.05
CA GLN A 77 8.08 15.43 4.05
C GLN A 77 9.20 14.45 3.69
N ILE A 78 9.55 14.35 2.43
CA ILE A 78 10.65 13.47 2.02
C ILE A 78 11.93 14.25 2.25
N ALA A 79 12.43 14.20 3.48
CA ALA A 79 13.54 15.03 3.94
C ALA A 79 13.98 14.49 5.29
N PRO A 80 15.21 14.77 5.71
CA PRO A 80 15.61 14.40 7.07
C PRO A 80 14.93 15.28 8.10
N GLY A 81 14.24 14.65 9.05
CA GLY A 81 13.72 15.33 10.21
C GLY A 81 12.31 15.85 10.10
N GLN A 82 11.55 15.43 9.09
CA GLN A 82 10.21 15.94 8.91
C GLN A 82 9.18 14.98 9.49
N THR A 83 7.91 15.31 9.35
CA THR A 83 6.84 14.54 9.97
C THR A 83 5.56 14.69 9.15
N GLY A 84 4.52 14.02 9.60
CA GLY A 84 3.24 14.06 8.93
C GLY A 84 2.56 12.71 8.84
N LYS A 85 1.88 12.44 7.75
CA LYS A 85 1.34 11.12 7.48
C LYS A 85 2.15 10.38 6.43
N ILE A 86 3.33 10.89 6.08
CA ILE A 86 4.23 10.24 5.13
C ILE A 86 5.55 9.88 5.79
N ALA A 87 6.24 10.87 6.34
CA ALA A 87 7.57 10.61 6.87
C ALA A 87 7.51 9.88 8.20
N ASP A 88 6.33 9.78 8.80
CA ASP A 88 6.18 8.99 10.00
C ASP A 88 5.69 7.58 9.72
N TYR A 89 4.81 7.39 8.75
CA TYR A 89 4.21 6.08 8.56
C TYR A 89 4.43 5.48 7.18
N ASN A 90 5.03 6.19 6.24
CA ASN A 90 5.09 5.62 4.90
C ASN A 90 6.52 5.42 4.41
N TYR A 91 7.34 6.45 4.55
CA TYR A 91 8.72 6.40 4.06
C TYR A 91 9.52 7.37 4.89
N LYS A 92 10.39 6.86 5.75
CA LYS A 92 11.11 7.69 6.70
C LYS A 92 12.58 7.73 6.33
N LEU A 93 13.08 8.92 6.01
CA LEU A 93 14.51 9.11 5.79
C LEU A 93 15.23 9.24 7.12
N PRO A 94 16.49 8.82 7.20
CA PRO A 94 17.24 9.01 8.44
C PRO A 94 17.75 10.43 8.60
N ASP A 95 18.54 10.68 9.64
CA ASP A 95 19.02 12.03 9.90
C ASP A 95 20.17 12.44 8.98
N ASP A 96 21.23 11.65 8.90
CA ASP A 96 22.44 12.03 8.17
C ASP A 96 22.47 11.44 6.76
N PHE A 97 21.30 11.31 6.13
CA PHE A 97 21.18 10.81 4.77
C PHE A 97 21.88 11.74 3.77
N THR A 98 22.57 11.15 2.81
CA THR A 98 23.29 11.88 1.77
C THR A 98 22.68 11.55 0.41
N GLY A 99 22.39 12.56 -0.38
CA GLY A 99 21.75 12.39 -1.67
C GLY A 99 20.56 13.29 -1.90
N CYS A 100 20.09 13.31 -3.14
CA CYS A 100 18.95 14.17 -3.48
C CYS A 100 17.58 13.57 -3.70
N VAL A 101 16.60 14.42 -3.43
CA VAL A 101 15.18 14.12 -3.54
C VAL A 101 14.72 14.90 -4.76
N ILE A 102 14.70 14.24 -5.92
CA ILE A 102 14.37 14.87 -7.19
C ILE A 102 12.90 14.59 -7.46
N ALA A 103 12.09 15.64 -7.47
CA ALA A 103 10.67 15.51 -7.72
C ALA A 103 10.23 16.51 -8.77
N TRP A 104 9.26 16.09 -9.59
CA TRP A 104 8.72 16.95 -10.63
C TRP A 104 7.21 16.76 -10.69
N ASN A 105 6.52 17.80 -11.15
CA ASN A 105 5.07 17.75 -11.31
C ASN A 105 4.71 16.81 -12.44
N SER A 106 3.87 15.82 -12.14
CA SER A 106 3.40 14.85 -13.14
C SER A 106 1.90 14.68 -12.98
N ASN A 107 1.12 15.55 -13.62
CA ASN A 107 -0.33 15.42 -13.62
C ASN A 107 -0.85 14.66 -14.84
N ASN A 108 -0.15 14.74 -15.97
CA ASN A 108 -0.65 14.13 -17.20
C ASN A 108 -0.53 12.61 -17.15
N LEU A 109 0.61 12.11 -16.65
CA LEU A 109 0.86 10.67 -16.70
C LEU A 109 0.10 9.95 -15.59
N ASP A 110 0.38 10.28 -14.34
CA ASP A 110 -0.08 9.44 -13.22
C ASP A 110 -1.54 9.67 -12.88
N SER A 111 -2.00 10.92 -12.90
CA SER A 111 -3.36 11.25 -12.49
C SER A 111 -4.33 11.02 -13.63
N LYS A 112 -5.38 10.24 -13.37
CA LYS A 112 -6.44 10.02 -14.34
C LYS A 112 -7.74 10.57 -13.79
N VAL A 113 -8.60 11.05 -14.70
CA VAL A 113 -9.83 11.69 -14.28
C VAL A 113 -10.78 10.64 -13.72
N GLY A 114 -11.26 10.89 -12.51
CA GLY A 114 -11.88 9.86 -11.72
C GLY A 114 -11.10 9.67 -10.43
N GLY A 115 -10.49 8.50 -10.25
CA GLY A 115 -9.69 8.33 -9.04
C GLY A 115 -8.19 8.26 -9.16
N ASN A 116 -7.68 7.47 -10.12
CA ASN A 116 -6.39 6.80 -9.97
C ASN A 116 -6.27 6.25 -8.55
N TYR A 117 -7.19 5.36 -8.23
CA TYR A 117 -7.47 4.88 -6.89
C TYR A 117 -6.49 3.86 -6.38
N ASN A 118 -5.32 3.72 -7.00
CA ASN A 118 -4.35 2.72 -6.60
C ASN A 118 -2.97 3.35 -6.48
N TYR A 119 -2.90 4.56 -5.94
CA TYR A 119 -1.65 5.06 -5.37
C TYR A 119 -1.91 5.27 -3.89
N LEU A 120 -1.80 4.19 -3.13
CA LEU A 120 -2.22 4.21 -1.75
C LEU A 120 -1.13 4.82 -0.88
N TYR A 121 -1.42 4.98 0.41
CA TYR A 121 -0.45 5.42 1.38
C TYR A 121 -0.87 4.94 2.75
N ARG A 122 0.11 4.70 3.61
CA ARG A 122 -0.17 4.24 4.97
C ARG A 122 -0.60 5.42 5.81
N LEU A 123 -1.65 5.23 6.61
CA LEU A 123 -2.21 6.28 7.43
C LEU A 123 -2.12 6.01 8.91
N PHE A 124 -2.42 4.79 9.33
CA PHE A 124 -2.48 4.43 10.74
C PHE A 124 -1.42 3.39 11.06
N ARG A 125 -0.58 3.69 12.04
CA ARG A 125 0.36 2.69 12.51
C ARG A 125 0.53 2.87 14.01
N LYS A 126 0.91 1.79 14.68
CA LYS A 126 1.08 1.81 16.12
C LYS A 126 2.27 2.66 16.56
N SER A 127 3.24 2.89 15.69
CA SER A 127 4.40 3.68 16.04
C SER A 127 4.97 4.32 14.79
N ASN A 128 5.91 5.23 14.99
CA ASN A 128 6.62 5.84 13.88
C ASN A 128 7.48 4.81 13.18
N LEU A 129 7.74 5.02 11.90
CA LEU A 129 8.64 4.16 11.16
C LEU A 129 10.07 4.41 11.57
N LYS A 130 10.83 3.33 11.69
CA LYS A 130 12.27 3.44 11.73
C LYS A 130 12.76 3.80 10.33
N PRO A 131 13.94 4.42 10.19
CA PRO A 131 14.35 4.94 8.88
C PRO A 131 14.59 3.85 7.84
N PHE A 132 14.19 4.17 6.59
CA PHE A 132 14.33 3.30 5.40
C PHE A 132 13.59 1.98 5.56
N GLU A 133 12.52 1.95 6.34
CA GLU A 133 11.80 0.71 6.60
C GLU A 133 10.46 0.79 5.89
N ARG A 134 10.37 0.12 4.75
CA ARG A 134 9.06 -0.06 4.14
C ARG A 134 8.31 -1.12 4.93
N ASP A 135 6.99 -1.01 4.93
CA ASP A 135 6.14 -1.89 5.73
C ASP A 135 4.90 -2.12 4.91
N ILE A 136 4.79 -3.29 4.31
CA ILE A 136 3.70 -3.60 3.42
C ILE A 136 2.59 -4.35 4.15
N SER A 137 2.58 -4.31 5.47
CA SER A 137 1.57 -5.04 6.23
C SER A 137 0.23 -4.32 6.15
N THR A 138 -0.84 -5.11 6.10
CA THR A 138 -2.18 -4.55 5.98
C THR A 138 -3.12 -5.04 7.07
N GLU A 139 -2.63 -5.28 8.28
CA GLU A 139 -3.52 -5.63 9.37
C GLU A 139 -4.17 -4.36 9.91
N ILE A 140 -5.37 -4.49 10.46
CA ILE A 140 -6.18 -3.32 10.78
C ILE A 140 -5.71 -2.70 12.09
N TYR A 141 -5.65 -1.37 12.10
CA TYR A 141 -5.13 -0.63 13.25
C TYR A 141 -6.19 -0.54 14.35
N GLN A 142 -5.76 -0.72 15.59
CA GLN A 142 -6.64 -0.64 16.75
C GLN A 142 -6.54 0.78 17.32
N ALA A 143 -7.65 1.53 17.22
CA ALA A 143 -7.64 2.92 17.68
C ALA A 143 -7.94 3.03 19.16
N GLY A 144 -8.98 2.35 19.64
CA GLY A 144 -9.36 2.45 21.04
C GLY A 144 -8.79 1.35 21.90
N SER A 145 -9.61 0.80 22.80
CA SER A 145 -9.19 -0.26 23.72
C SER A 145 -9.87 -1.58 23.46
N THR A 146 -10.97 -1.60 22.72
CA THR A 146 -11.63 -2.85 22.40
C THR A 146 -10.81 -3.61 21.36
N PRO A 147 -10.80 -4.94 21.40
CA PRO A 147 -10.08 -5.70 20.36
C PRO A 147 -10.80 -5.65 19.02
N CYS A 148 -10.02 -5.60 17.95
CA CYS A 148 -10.59 -5.46 16.62
C CYS A 148 -11.21 -6.77 16.13
N ASN A 149 -10.56 -7.89 16.45
CA ASN A 149 -10.99 -9.25 16.09
C ASN A 149 -11.13 -9.41 14.56
N GLY A 150 -10.23 -8.76 13.82
CA GLY A 150 -10.16 -8.95 12.39
C GLY A 150 -11.28 -8.33 11.58
N VAL A 151 -12.04 -7.40 12.14
CA VAL A 151 -13.16 -6.78 11.45
C VAL A 151 -13.02 -5.27 11.60
N GLU A 152 -13.05 -4.55 10.48
CA GLU A 152 -12.94 -3.10 10.54
C GLU A 152 -14.30 -2.46 10.76
N GLY A 153 -14.28 -1.33 11.46
CA GLY A 153 -15.52 -0.66 11.83
C GLY A 153 -15.22 0.53 12.71
N PHE A 154 -15.96 0.65 13.81
CA PHE A 154 -15.62 1.65 14.81
C PHE A 154 -14.36 1.24 15.53
N ASN A 155 -13.47 2.21 15.75
CA ASN A 155 -12.18 2.09 16.44
C ASN A 155 -11.20 1.12 15.78
N CYS A 156 -11.48 0.63 14.57
CA CYS A 156 -10.65 -0.37 13.91
C CYS A 156 -10.59 -0.03 12.43
N TYR A 157 -9.49 0.56 11.99
CA TYR A 157 -9.40 1.16 10.67
C TYR A 157 -8.32 0.48 9.85
N PHE A 158 -8.62 0.22 8.59
CA PHE A 158 -7.61 -0.26 7.65
C PHE A 158 -6.63 0.87 7.35
N PRO A 159 -5.34 0.58 7.25
CA PRO A 159 -4.33 1.64 7.19
C PRO A 159 -4.03 2.20 5.81
N LEU A 160 -4.75 1.82 4.76
CA LEU A 160 -4.43 2.27 3.41
C LEU A 160 -5.59 3.07 2.84
N GLN A 161 -5.33 4.33 2.52
CA GLN A 161 -6.26 5.20 1.84
C GLN A 161 -5.74 5.49 0.44
N SER A 162 -6.63 5.49 -0.54
CA SER A 162 -6.25 5.84 -1.90
C SER A 162 -6.00 7.33 -1.97
N TYR A 163 -4.97 7.74 -2.71
CA TYR A 163 -4.70 9.16 -2.85
C TYR A 163 -5.80 9.88 -3.62
N GLY A 164 -6.32 9.27 -4.67
CA GLY A 164 -7.43 9.87 -5.38
C GLY A 164 -7.04 11.04 -6.24
N PHE A 165 -6.22 10.82 -7.26
CA PHE A 165 -5.70 11.91 -8.07
C PHE A 165 -6.69 12.30 -9.17
N GLN A 166 -6.64 13.57 -9.55
CA GLN A 166 -7.51 14.12 -10.58
C GLN A 166 -6.78 15.28 -11.25
N PRO A 167 -7.02 15.50 -12.54
CA PRO A 167 -6.42 16.65 -13.22
C PRO A 167 -7.17 17.96 -13.02
N THR A 168 -8.33 17.93 -12.34
CA THR A 168 -9.07 19.13 -12.02
C THR A 168 -8.60 19.80 -10.75
N ASN A 169 -7.94 19.07 -9.85
CA ASN A 169 -7.53 19.64 -8.58
C ASN A 169 -6.33 20.56 -8.77
N GLY A 170 -5.93 21.19 -7.67
CA GLY A 170 -4.84 22.13 -7.71
C GLY A 170 -3.48 21.47 -7.86
N VAL A 171 -2.44 22.29 -7.80
CA VAL A 171 -1.07 21.81 -7.96
C VAL A 171 -0.54 21.32 -6.62
N GLY A 172 -1.38 21.34 -5.59
CA GLY A 172 -1.11 20.70 -4.34
C GLY A 172 -1.83 19.38 -4.16
N TYR A 173 -2.57 18.92 -5.15
CA TYR A 173 -3.21 17.61 -5.09
C TYR A 173 -2.87 16.77 -6.32
N GLN A 174 -1.75 17.07 -6.98
CA GLN A 174 -1.27 16.42 -8.18
C GLN A 174 -0.10 15.50 -7.85
N PRO A 175 -0.04 14.33 -8.48
CA PRO A 175 0.96 13.33 -8.11
C PRO A 175 2.35 13.73 -8.55
N TYR A 176 3.16 14.16 -7.60
CA TYR A 176 4.54 14.52 -7.85
C TYR A 176 5.39 13.28 -7.74
N ARG A 177 5.90 12.80 -8.86
CA ARG A 177 6.80 11.66 -8.87
C ARG A 177 8.13 12.04 -8.21
N VAL A 178 8.57 11.21 -7.28
CA VAL A 178 9.73 11.51 -6.45
C VAL A 178 10.77 10.43 -6.67
N VAL A 179 12.02 10.84 -6.89
CA VAL A 179 13.15 9.93 -6.99
C VAL A 179 14.19 10.37 -5.97
N VAL A 180 14.59 9.48 -5.07
CA VAL A 180 15.56 9.79 -4.03
C VAL A 180 16.87 9.10 -4.37
N LEU A 181 17.82 9.83 -4.94
CA LEU A 181 19.11 9.26 -5.33
C LEU A 181 19.96 9.04 -4.08
N SER A 182 19.75 7.92 -3.40
CA SER A 182 20.44 7.61 -2.16
C SER A 182 21.71 6.83 -2.46
N PHE A 183 22.86 7.47 -2.30
CA PHE A 183 24.12 6.77 -2.53
C PHE A 183 25.12 7.07 -1.43
N GLU A 184 25.87 6.04 -1.04
CA GLU A 184 26.89 6.16 -0.01
C GLU A 184 27.96 5.11 -0.25
N LEU A 185 29.20 5.57 -0.40
CA LEU A 185 30.31 4.66 -0.63
C LEU A 185 30.71 3.96 0.67
N LEU A 186 31.57 2.95 0.54
CA LEU A 186 32.07 2.20 1.66
C LEU A 186 33.53 1.85 1.40
N HIS A 187 34.12 1.04 2.27
CA HIS A 187 35.54 0.71 2.19
C HIS A 187 35.75 -0.30 1.05
N ALA A 188 35.80 0.23 -0.16
CA ALA A 188 35.89 -0.55 -1.39
C ALA A 188 36.32 0.38 -2.51
N PRO A 189 36.82 -0.15 -3.62
CA PRO A 189 37.01 0.69 -4.82
C PRO A 189 35.68 1.20 -5.36
N ALA A 190 35.62 2.50 -5.63
CA ALA A 190 34.40 3.13 -6.10
C ALA A 190 34.10 2.73 -7.53
N THR A 191 32.85 2.92 -7.94
CA THR A 191 32.45 2.41 -9.23
C THR A 191 31.79 3.43 -10.14
N VAL A 192 30.90 4.26 -9.59
CA VAL A 192 29.93 5.01 -10.38
C VAL A 192 30.37 6.48 -10.40
N CYS A 193 31.12 6.86 -11.45
CA CYS A 193 31.36 8.27 -11.75
C CYS A 193 31.49 8.44 -13.26
N GLY A 194 31.37 9.69 -13.71
CA GLY A 194 31.49 10.03 -15.10
C GLY A 194 32.77 10.80 -15.37
N PRO A 195 32.74 11.68 -16.40
CA PRO A 195 33.94 12.42 -16.81
C PRO A 195 34.34 13.50 -15.81
N GLU B 1 0.37 -17.94 -4.76
CA GLU B 1 -0.79 -18.66 -4.26
C GLU B 1 -1.98 -17.69 -4.32
N VAL B 2 -1.87 -16.69 -5.20
CA VAL B 2 -3.00 -15.82 -5.44
C VAL B 2 -4.06 -16.59 -6.22
N GLN B 3 -5.32 -16.34 -5.92
CA GLN B 3 -6.38 -17.19 -6.45
C GLN B 3 -7.71 -16.45 -6.42
N LEU B 4 -8.57 -16.76 -7.38
CA LEU B 4 -9.96 -16.30 -7.39
C LEU B 4 -10.83 -17.44 -7.89
N VAL B 5 -11.82 -17.83 -7.10
CA VAL B 5 -12.76 -18.87 -7.50
C VAL B 5 -14.15 -18.26 -7.49
N GLU B 6 -15.04 -18.79 -8.33
CA GLU B 6 -16.40 -18.28 -8.41
C GLU B 6 -17.40 -19.31 -7.88
N SER B 7 -18.66 -18.92 -7.85
CA SER B 7 -19.78 -19.79 -7.53
C SER B 7 -21.02 -19.18 -8.15
N GLY B 8 -22.17 -19.80 -7.90
CA GLY B 8 -23.46 -19.18 -8.13
C GLY B 8 -23.97 -19.17 -9.56
N GLY B 9 -23.12 -19.42 -10.55
CA GLY B 9 -23.56 -19.35 -11.93
C GLY B 9 -24.47 -20.49 -12.33
N GLY B 10 -25.10 -20.32 -13.49
CA GLY B 10 -26.03 -21.31 -13.99
C GLY B 10 -26.98 -20.68 -14.99
N VAL B 11 -28.17 -21.28 -15.09
CA VAL B 11 -29.21 -20.84 -16.02
C VAL B 11 -30.40 -20.32 -15.22
N VAL B 12 -30.98 -19.22 -15.69
CA VAL B 12 -32.16 -18.61 -15.09
C VAL B 12 -33.10 -18.16 -16.20
N GLN B 13 -34.32 -17.80 -15.79
CA GLN B 13 -35.30 -17.25 -16.70
C GLN B 13 -34.90 -15.81 -17.08
N PRO B 14 -35.27 -15.36 -18.28
CA PRO B 14 -34.97 -13.98 -18.66
C PRO B 14 -35.84 -13.00 -17.88
N GLY B 15 -35.18 -12.15 -17.09
CA GLY B 15 -35.87 -11.16 -16.30
C GLY B 15 -35.72 -11.33 -14.79
N ARG B 16 -35.29 -12.51 -14.34
CA ARG B 16 -35.16 -12.75 -12.91
C ARG B 16 -33.82 -12.21 -12.42
N SER B 17 -33.46 -12.56 -11.19
CA SER B 17 -32.27 -12.05 -10.55
C SER B 17 -31.32 -13.19 -10.21
N LEU B 18 -30.03 -12.85 -10.08
CA LEU B 18 -28.99 -13.82 -9.83
C LEU B 18 -27.81 -13.07 -9.26
N ARG B 19 -27.11 -13.67 -8.30
CA ARG B 19 -25.89 -13.09 -7.75
C ARG B 19 -24.71 -14.03 -7.96
N LEU B 20 -23.52 -13.45 -8.04
CA LEU B 20 -22.30 -14.19 -8.35
C LEU B 20 -21.24 -13.88 -7.31
N SER B 21 -20.78 -14.90 -6.59
CA SER B 21 -19.83 -14.72 -5.51
C SER B 21 -18.44 -15.12 -5.97
N CYS B 22 -17.47 -14.24 -5.79
CA CYS B 22 -16.08 -14.46 -6.21
C CYS B 22 -15.22 -14.47 -4.96
N ALA B 23 -15.03 -15.65 -4.38
CA ALA B 23 -14.35 -15.74 -3.09
C ALA B 23 -12.83 -15.80 -3.27
N ALA B 24 -12.15 -14.75 -2.85
CA ALA B 24 -10.70 -14.67 -2.98
C ALA B 24 -10.02 -15.44 -1.86
N SER B 25 -8.72 -15.69 -2.08
CA SER B 25 -7.82 -16.29 -1.10
C SER B 25 -6.40 -16.13 -1.61
N GLY B 26 -5.47 -15.96 -0.70
CA GLY B 26 -4.07 -15.84 -1.06
C GLY B 26 -3.56 -14.42 -1.16
N PHE B 27 -4.41 -13.42 -0.95
CA PHE B 27 -4.00 -12.04 -0.95
C PHE B 27 -4.96 -11.25 -0.07
N THR B 28 -4.53 -10.05 0.33
CA THR B 28 -5.38 -9.18 1.14
C THR B 28 -6.42 -8.54 0.22
N PHE B 29 -7.68 -8.74 0.55
CA PHE B 29 -8.79 -8.46 -0.35
C PHE B 29 -9.11 -6.97 -0.42
N ARG B 30 -8.64 -6.23 0.57
CA ARG B 30 -9.12 -4.87 0.76
C ARG B 30 -8.38 -3.86 -0.10
N THR B 31 -7.09 -4.02 -0.33
CA THR B 31 -6.33 -2.98 -1.00
C THR B 31 -6.39 -3.06 -2.52
N TYR B 32 -7.22 -3.94 -3.09
CA TYR B 32 -7.32 -4.08 -4.54
C TYR B 32 -8.76 -3.85 -4.96
N ALA B 33 -8.96 -2.91 -5.89
CA ALA B 33 -10.30 -2.63 -6.37
C ALA B 33 -10.74 -3.68 -7.37
N MET B 34 -11.76 -4.46 -7.01
CA MET B 34 -12.17 -5.61 -7.79
C MET B 34 -13.07 -5.18 -8.94
N HIS B 35 -13.11 -5.98 -10.00
CA HIS B 35 -13.94 -5.71 -11.16
C HIS B 35 -14.83 -6.92 -11.46
N TRP B 36 -15.50 -6.84 -12.60
CA TRP B 36 -16.12 -8.00 -13.25
C TRP B 36 -16.00 -7.79 -14.76
N VAL B 37 -15.44 -8.77 -15.45
CA VAL B 37 -15.29 -8.71 -16.90
C VAL B 37 -16.09 -9.86 -17.49
N ARG B 38 -16.62 -9.67 -18.70
CA ARG B 38 -17.44 -10.70 -19.32
C ARG B 38 -17.06 -10.88 -20.78
N GLN B 39 -17.46 -12.02 -21.33
CA GLN B 39 -17.19 -12.36 -22.72
C GLN B 39 -18.35 -13.20 -23.24
N ALA B 40 -19.10 -12.65 -24.19
CA ALA B 40 -20.15 -13.39 -24.85
C ALA B 40 -19.53 -14.47 -25.73
N PRO B 41 -20.25 -15.58 -26.00
CA PRO B 41 -19.66 -16.68 -26.79
C PRO B 41 -19.31 -16.29 -28.21
N GLY B 42 -18.00 -16.20 -28.49
CA GLY B 42 -17.49 -15.85 -29.79
C GLY B 42 -16.92 -14.44 -29.89
N LYS B 43 -17.30 -13.54 -29.01
CA LYS B 43 -16.92 -12.14 -29.14
C LYS B 43 -15.73 -11.82 -28.24
N GLY B 44 -15.39 -10.53 -28.20
CA GLY B 44 -14.30 -10.07 -27.38
C GLY B 44 -14.72 -9.75 -25.97
N LEU B 45 -13.78 -9.23 -25.20
CA LEU B 45 -14.07 -8.90 -23.81
C LEU B 45 -14.85 -7.60 -23.72
N GLU B 46 -15.58 -7.45 -22.62
CA GLU B 46 -16.38 -6.26 -22.34
C GLU B 46 -16.35 -6.01 -20.85
N TRP B 47 -15.80 -4.87 -20.46
CA TRP B 47 -15.73 -4.50 -19.04
C TRP B 47 -17.12 -4.22 -18.51
N VAL B 48 -17.39 -4.64 -17.28
CA VAL B 48 -18.75 -4.52 -16.75
C VAL B 48 -18.80 -3.60 -15.53
N ALA B 49 -18.16 -3.99 -14.42
CA ALA B 49 -18.39 -3.30 -13.16
C ALA B 49 -17.08 -3.02 -12.45
N VAL B 50 -17.13 -2.05 -11.52
CA VAL B 50 -16.01 -1.71 -10.65
C VAL B 50 -16.56 -1.48 -9.25
N MET B 51 -16.02 -2.19 -8.27
CA MET B 51 -16.12 -1.78 -6.88
C MET B 51 -14.83 -1.06 -6.54
N TRP B 52 -14.93 0.05 -5.82
CA TRP B 52 -13.79 0.89 -5.51
C TRP B 52 -12.94 0.21 -4.43
N ASN B 53 -11.96 0.93 -3.90
CA ASN B 53 -11.05 0.35 -2.92
C ASN B 53 -11.76 -0.01 -1.62
N ASP B 54 -12.73 0.81 -1.20
CA ASP B 54 -13.43 0.60 0.06
C ASP B 54 -14.95 0.61 -0.07
N GLY B 55 -15.48 1.08 -1.19
CA GLY B 55 -16.90 1.29 -1.34
C GLY B 55 -17.28 2.71 -1.66
N SER B 56 -16.32 3.52 -2.08
CA SER B 56 -16.58 4.93 -2.37
C SER B 56 -17.37 5.12 -3.66
N ASN B 57 -17.27 4.18 -4.60
CA ASN B 57 -17.93 4.33 -5.89
C ASN B 57 -18.11 2.95 -6.52
N LYS B 58 -19.33 2.70 -7.02
CA LYS B 58 -19.65 1.44 -7.68
C LYS B 58 -20.12 1.73 -9.10
N TYR B 59 -19.21 1.77 -10.06
CA TYR B 59 -19.51 2.18 -11.42
C TYR B 59 -19.92 0.98 -12.26
N TYR B 60 -20.52 1.27 -13.42
CA TYR B 60 -20.96 0.22 -14.33
C TYR B 60 -20.75 0.66 -15.77
N ALA B 61 -20.73 -0.33 -16.66
CA ALA B 61 -20.82 -0.03 -18.09
C ALA B 61 -22.22 0.40 -18.45
N ASP B 62 -22.35 1.00 -19.64
CA ASP B 62 -23.60 1.64 -20.01
C ASP B 62 -24.69 0.65 -20.39
N SER B 63 -24.37 -0.62 -20.53
CA SER B 63 -25.36 -1.63 -20.92
C SER B 63 -26.00 -2.32 -19.73
N VAL B 64 -25.56 -2.04 -18.52
CA VAL B 64 -26.09 -2.73 -17.34
C VAL B 64 -26.50 -1.75 -16.27
N LYS B 65 -26.32 -0.45 -16.55
CA LYS B 65 -26.46 0.58 -15.52
C LYS B 65 -27.91 0.70 -15.07
N GLY B 66 -28.12 0.59 -13.77
CA GLY B 66 -29.44 0.49 -13.20
C GLY B 66 -29.93 -0.92 -13.03
N ARG B 67 -29.23 -1.90 -13.60
CA ARG B 67 -29.65 -3.28 -13.50
C ARG B 67 -28.69 -4.16 -12.73
N PHE B 68 -27.46 -3.72 -12.52
CA PHE B 68 -26.45 -4.51 -11.83
C PHE B 68 -26.14 -3.89 -10.47
N THR B 69 -25.79 -4.74 -9.51
CA THR B 69 -25.49 -4.30 -8.15
C THR B 69 -24.27 -5.04 -7.66
N ILE B 70 -23.16 -4.32 -7.51
CA ILE B 70 -21.89 -4.89 -7.13
C ILE B 70 -21.63 -4.61 -5.65
N SER B 71 -21.47 -5.67 -4.86
CA SER B 71 -21.28 -5.55 -3.44
C SER B 71 -19.84 -5.88 -3.09
N ARG B 72 -19.55 -5.94 -1.78
CA ARG B 72 -18.26 -6.38 -1.29
C ARG B 72 -18.42 -6.83 0.15
N ASP B 73 -17.56 -7.73 0.58
CA ASP B 73 -17.58 -8.25 1.95
C ASP B 73 -16.12 -8.44 2.39
N ASN B 74 -15.58 -7.42 3.05
CA ASN B 74 -14.17 -7.40 3.38
C ASN B 74 -13.77 -8.41 4.44
N SER B 75 -14.72 -8.93 5.22
CA SER B 75 -14.37 -9.87 6.28
C SER B 75 -14.17 -11.28 5.76
N LYS B 76 -15.00 -11.72 4.81
CA LYS B 76 -14.93 -13.07 4.29
C LYS B 76 -14.18 -13.15 2.97
N ASN B 77 -13.63 -12.03 2.49
CA ASN B 77 -12.86 -11.93 1.25
C ASN B 77 -13.67 -12.41 0.04
N THR B 78 -14.94 -12.03 -0.01
CA THR B 78 -15.78 -12.35 -1.15
C THR B 78 -16.21 -11.08 -1.85
N LEU B 79 -16.64 -11.24 -3.09
CA LEU B 79 -17.11 -10.16 -3.94
C LEU B 79 -18.39 -10.62 -4.61
N TYR B 80 -19.43 -9.81 -4.53
CA TYR B 80 -20.74 -10.15 -5.08
C TYR B 80 -21.01 -9.32 -6.31
N LEU B 81 -21.85 -9.83 -7.21
CA LEU B 81 -22.38 -9.06 -8.32
C LEU B 81 -23.82 -9.49 -8.53
N GLU B 82 -24.76 -8.62 -8.15
CA GLU B 82 -26.17 -8.92 -8.26
C GLU B 82 -26.68 -8.40 -9.59
N MET B 83 -27.26 -9.30 -10.38
CA MET B 83 -27.89 -8.94 -11.64
C MET B 83 -29.40 -8.84 -11.40
N ASN B 84 -30.03 -7.83 -11.98
CA ASN B 84 -31.46 -7.65 -11.90
C ASN B 84 -32.02 -7.38 -13.29
N SER B 85 -33.15 -8.03 -13.60
CA SER B 85 -33.84 -7.96 -14.90
C SER B 85 -32.91 -8.36 -16.04
N LEU B 86 -32.52 -9.62 -16.00
CA LEU B 86 -31.57 -10.17 -16.96
C LEU B 86 -32.24 -10.37 -18.31
N ARG B 87 -31.71 -9.71 -19.34
CA ARG B 87 -32.23 -9.82 -20.69
C ARG B 87 -31.61 -11.04 -21.38
N ALA B 88 -31.80 -11.13 -22.69
CA ALA B 88 -31.22 -12.21 -23.48
C ALA B 88 -29.81 -11.91 -23.95
N GLU B 89 -29.36 -10.66 -23.85
CA GLU B 89 -28.03 -10.29 -24.29
C GLU B 89 -26.96 -10.62 -23.26
N ASP B 90 -27.32 -10.62 -21.98
CA ASP B 90 -26.35 -10.70 -20.89
C ASP B 90 -25.78 -12.10 -20.67
N THR B 91 -26.06 -13.08 -21.52
CA THR B 91 -25.39 -14.38 -21.40
C THR B 91 -23.94 -14.30 -21.84
N ALA B 92 -23.04 -14.71 -20.95
CA ALA B 92 -21.60 -14.56 -21.15
C ALA B 92 -20.89 -15.43 -20.13
N VAL B 93 -19.56 -15.35 -20.13
CA VAL B 93 -18.73 -15.95 -19.10
C VAL B 93 -18.18 -14.81 -18.26
N TYR B 94 -18.54 -14.79 -16.98
CA TYR B 94 -18.24 -13.66 -16.11
C TYR B 94 -17.05 -13.99 -15.23
N TYR B 95 -15.95 -13.25 -15.40
CA TYR B 95 -14.74 -13.37 -14.61
C TYR B 95 -14.67 -12.24 -13.60
N CYS B 96 -13.89 -12.42 -12.55
CA CYS B 96 -13.58 -11.34 -11.61
C CYS B 96 -12.08 -11.12 -11.59
N ALA B 97 -11.67 -9.86 -11.46
CA ALA B 97 -10.27 -9.50 -11.59
C ALA B 97 -9.84 -8.70 -10.36
N ARG B 98 -8.65 -8.09 -10.44
CA ARG B 98 -8.15 -7.20 -9.40
C ARG B 98 -7.06 -6.33 -10.01
N GLU B 99 -6.62 -5.31 -9.26
CA GLU B 99 -5.52 -4.42 -9.64
C GLU B 99 -5.09 -3.61 -8.44
N GLY B 100 -3.83 -3.16 -8.43
CA GLY B 100 -3.40 -2.16 -7.46
C GLY B 100 -1.90 -2.11 -7.24
N VAL B 101 -1.31 -0.91 -7.22
CA VAL B 101 0.13 -0.77 -7.41
C VAL B 101 0.90 -0.95 -6.11
N ALA B 102 1.41 -2.16 -5.89
CA ALA B 102 2.03 -2.49 -4.62
C ALA B 102 3.51 -2.80 -4.74
N ALA B 103 4.10 -2.60 -5.93
CA ALA B 103 5.48 -2.99 -6.25
C ALA B 103 5.72 -4.46 -5.94
N ALA B 104 4.72 -5.26 -6.27
CA ALA B 104 4.54 -6.61 -5.77
C ALA B 104 3.85 -7.39 -6.87
N GLY B 105 3.16 -8.47 -6.52
CA GLY B 105 2.31 -9.15 -7.47
C GLY B 105 1.10 -8.30 -7.79
N SER B 106 1.31 -7.24 -8.56
CA SER B 106 0.45 -6.08 -8.51
C SER B 106 -0.20 -5.73 -9.84
N SER B 107 0.60 -5.61 -10.90
CA SER B 107 0.17 -5.22 -12.25
C SER B 107 -0.57 -3.90 -12.23
N SER B 108 0.16 -2.80 -12.06
CA SER B 108 -0.40 -1.46 -11.93
C SER B 108 -1.44 -1.12 -12.98
N ASP B 109 -2.68 -0.93 -12.50
CA ASP B 109 -3.84 -0.51 -13.30
C ASP B 109 -4.13 -1.51 -14.41
N ALA B 110 -4.03 -2.79 -14.10
CA ALA B 110 -4.30 -3.84 -15.07
C ALA B 110 -4.74 -5.09 -14.32
N PHE B 111 -5.49 -5.94 -15.00
CA PHE B 111 -6.05 -7.13 -14.36
C PHE B 111 -5.02 -8.23 -14.42
N ASP B 112 -4.37 -8.53 -13.30
CA ASP B 112 -3.44 -9.66 -13.32
C ASP B 112 -4.15 -10.98 -13.11
N ILE B 113 -4.79 -11.20 -11.97
CA ILE B 113 -5.36 -12.49 -11.66
C ILE B 113 -6.82 -12.47 -12.07
N TRP B 114 -7.31 -13.61 -12.51
CA TRP B 114 -8.67 -13.74 -12.99
C TRP B 114 -9.28 -14.96 -12.33
N GLY B 115 -10.60 -14.97 -12.22
CA GLY B 115 -11.28 -16.14 -11.72
C GLY B 115 -11.27 -17.25 -12.74
N GLN B 116 -11.82 -18.39 -12.33
CA GLN B 116 -12.01 -19.48 -13.27
C GLN B 116 -13.05 -19.12 -14.32
N GLY B 117 -13.99 -18.26 -13.97
CA GLY B 117 -15.04 -17.88 -14.89
C GLY B 117 -16.19 -18.83 -14.76
N THR B 118 -17.34 -18.32 -14.35
CA THR B 118 -18.57 -19.11 -14.36
C THR B 118 -19.48 -18.57 -15.44
N MET B 119 -20.19 -19.47 -16.12
CA MET B 119 -20.99 -19.11 -17.27
C MET B 119 -22.41 -18.82 -16.82
N VAL B 120 -22.83 -17.58 -16.99
CA VAL B 120 -24.22 -17.18 -16.78
C VAL B 120 -24.89 -17.26 -18.13
N THR B 121 -25.94 -18.07 -18.23
CA THR B 121 -26.70 -18.19 -19.47
C THR B 121 -28.18 -17.99 -19.20
N VAL B 122 -28.88 -17.45 -20.19
CA VAL B 122 -30.30 -17.15 -20.08
C VAL B 122 -31.04 -17.93 -21.16
N SER B 123 -32.12 -18.59 -20.76
CA SER B 123 -32.90 -19.47 -21.62
C SER B 123 -34.21 -19.77 -20.91
N SER B 124 -34.98 -20.71 -21.45
CA SER B 124 -36.22 -21.14 -20.84
C SER B 124 -36.54 -22.57 -21.29
N GLU C 1 -26.29 22.26 -2.06
CA GLU C 1 -25.99 22.77 -0.71
C GLU C 1 -26.54 21.83 0.34
N VAL C 2 -25.70 21.45 1.30
CA VAL C 2 -26.06 20.53 2.36
C VAL C 2 -26.78 21.30 3.47
N GLN C 3 -27.86 20.71 3.99
CA GLN C 3 -28.60 21.30 5.09
C GLN C 3 -29.26 20.19 5.88
N LEU C 4 -29.34 20.37 7.19
CA LEU C 4 -29.86 19.35 8.09
C LEU C 4 -30.93 19.97 8.99
N VAL C 5 -32.05 19.27 9.11
CA VAL C 5 -33.16 19.72 9.93
C VAL C 5 -33.49 18.61 10.94
N GLU C 6 -33.69 19.02 12.19
CA GLU C 6 -34.00 18.08 13.26
C GLU C 6 -35.42 18.30 13.76
N SER C 7 -36.05 17.21 14.21
CA SER C 7 -37.45 17.24 14.62
C SER C 7 -37.65 16.68 16.01
N GLY C 8 -38.90 16.49 16.40
CA GLY C 8 -39.20 15.93 17.71
C GLY C 8 -39.00 16.95 18.83
N GLY C 9 -38.87 16.42 20.04
CA GLY C 9 -38.54 17.23 21.20
C GLY C 9 -39.75 17.87 21.84
N GLY C 10 -39.48 18.52 22.97
CA GLY C 10 -40.52 19.17 23.74
C GLY C 10 -40.37 18.95 25.23
N LEU C 11 -41.41 18.43 25.87
CA LEU C 11 -41.40 18.16 27.30
C LEU C 11 -41.84 16.72 27.51
N VAL C 12 -41.15 16.02 28.41
CA VAL C 12 -41.44 14.61 28.68
C VAL C 12 -41.26 14.37 30.18
N GLN C 13 -42.04 13.44 30.71
CA GLN C 13 -41.93 13.04 32.10
C GLN C 13 -40.70 12.16 32.28
N PRO C 14 -40.16 12.07 33.51
CA PRO C 14 -39.08 11.12 33.77
C PRO C 14 -39.58 9.68 33.64
N GLY C 15 -38.75 8.86 33.01
CA GLY C 15 -39.10 7.48 32.73
C GLY C 15 -39.85 7.27 31.43
N GLY C 16 -40.00 8.31 30.61
CA GLY C 16 -40.72 8.22 29.36
C GLY C 16 -39.82 7.91 28.19
N SER C 17 -40.36 8.12 26.99
CA SER C 17 -39.66 7.80 25.76
C SER C 17 -39.94 8.87 24.73
N LEU C 18 -38.96 9.11 23.86
CA LEU C 18 -39.10 10.11 22.80
C LEU C 18 -38.17 9.74 21.66
N ARG C 19 -38.69 9.80 20.43
CA ARG C 19 -37.91 9.55 19.23
C ARG C 19 -37.67 10.85 18.49
N LEU C 20 -36.41 11.15 18.22
CA LEU C 20 -36.02 12.31 17.43
C LEU C 20 -35.92 11.94 15.96
N SER C 21 -35.62 12.94 15.14
CA SER C 21 -35.41 12.72 13.72
C SER C 21 -34.43 13.75 13.18
N CYS C 22 -33.69 13.36 12.14
CA CYS C 22 -32.75 14.25 11.46
C CYS C 22 -32.87 13.95 9.97
N SER C 23 -33.74 14.68 9.29
CA SER C 23 -33.94 14.51 7.85
C SER C 23 -32.95 15.36 7.10
N ALA C 24 -32.34 14.79 6.06
CA ALA C 24 -31.25 15.44 5.35
C ALA C 24 -31.57 15.61 3.88
N SER C 25 -31.04 16.68 3.30
CA SER C 25 -31.19 16.97 1.89
C SER C 25 -29.96 17.72 1.41
N GLY C 26 -29.42 17.31 0.26
CA GLY C 26 -28.27 17.98 -0.33
C GLY C 26 -27.08 17.07 -0.58
N PHE C 27 -27.13 15.79 -0.21
CA PHE C 27 -26.02 14.89 -0.44
C PHE C 27 -26.56 13.48 -0.56
N THR C 28 -25.69 12.58 -1.03
CA THR C 28 -26.02 11.16 -1.07
C THR C 28 -26.02 10.63 0.35
N PHE C 29 -27.22 10.32 0.86
CA PHE C 29 -27.36 9.98 2.27
C PHE C 29 -26.77 8.62 2.59
N SER C 30 -26.73 7.73 1.61
CA SER C 30 -26.26 6.37 1.85
C SER C 30 -24.75 6.28 1.94
N SER C 31 -24.03 7.31 1.50
CA SER C 31 -22.59 7.26 1.41
C SER C 31 -21.90 7.95 2.58
N TYR C 32 -22.63 8.29 3.65
CA TYR C 32 -22.08 9.04 4.75
C TYR C 32 -22.50 8.45 6.08
N ALA C 33 -21.57 8.45 7.04
CA ALA C 33 -21.87 8.12 8.42
C ALA C 33 -22.10 9.41 9.20
N MET C 34 -23.08 9.39 10.10
CA MET C 34 -23.45 10.62 10.79
C MET C 34 -23.82 10.33 12.24
N HIS C 35 -23.61 11.34 13.07
CA HIS C 35 -23.61 11.18 14.52
C HIS C 35 -24.65 12.07 15.17
N TRP C 36 -24.82 11.88 16.47
CA TRP C 36 -25.58 12.77 17.34
C TRP C 36 -24.64 13.34 18.37
N VAL C 37 -24.72 14.65 18.61
CA VAL C 37 -23.88 15.34 19.58
C VAL C 37 -24.77 16.26 20.38
N ARG C 38 -24.79 16.10 21.70
CA ARG C 38 -25.73 16.84 22.54
C ARG C 38 -24.99 17.89 23.36
N GLN C 39 -25.78 18.82 23.90
CA GLN C 39 -25.22 19.92 24.70
C GLN C 39 -26.27 20.38 25.70
N ALA C 40 -25.98 20.21 26.98
CA ALA C 40 -26.80 20.69 28.08
C ALA C 40 -26.86 22.22 28.07
N PRO C 41 -27.92 22.82 28.60
CA PRO C 41 -28.01 24.29 28.60
C PRO C 41 -26.96 24.91 29.51
N GLY C 42 -26.15 25.78 28.92
CA GLY C 42 -25.10 26.46 29.66
C GLY C 42 -23.89 25.60 29.94
N LYS C 43 -23.74 24.48 29.26
CA LYS C 43 -22.63 23.57 29.50
C LYS C 43 -21.86 23.31 28.21
N GLY C 44 -20.94 22.35 28.23
CA GLY C 44 -20.15 22.05 27.07
C GLY C 44 -20.80 21.02 26.15
N LEU C 45 -20.19 20.84 24.98
CA LEU C 45 -20.66 19.86 24.02
C LEU C 45 -20.34 18.45 24.50
N GLU C 46 -21.22 17.51 24.18
CA GLU C 46 -21.07 16.15 24.65
C GLU C 46 -21.48 15.19 23.54
N TYR C 47 -20.70 14.12 23.36
CA TYR C 47 -20.97 13.14 22.33
C TYR C 47 -21.82 12.02 22.90
N VAL C 48 -22.82 11.55 22.15
CA VAL C 48 -23.76 10.56 22.64
C VAL C 48 -23.78 9.29 21.79
N SER C 49 -23.82 9.39 20.45
CA SER C 49 -23.94 8.19 19.64
C SER C 49 -23.47 8.47 18.21
N SER C 50 -23.45 7.39 17.41
CA SER C 50 -23.13 7.47 15.99
C SER C 50 -23.78 6.29 15.27
N ILE C 51 -23.58 6.23 13.96
CA ILE C 51 -24.08 5.12 13.15
C ILE C 51 -23.21 5.03 11.90
N SER C 52 -23.14 3.85 11.31
CA SER C 52 -22.35 3.61 10.11
C SER C 52 -23.06 4.14 8.87
N SER C 53 -22.42 3.95 7.72
CA SER C 53 -22.98 4.43 6.46
C SER C 53 -24.06 3.51 5.92
N ASN C 54 -24.23 2.33 6.50
CA ASN C 54 -25.20 1.36 6.00
C ASN C 54 -26.05 0.74 7.10
N GLY C 55 -26.08 1.33 8.29
CA GLY C 55 -26.90 0.82 9.37
C GLY C 55 -26.36 -0.40 10.07
N GLY C 56 -25.15 -0.83 9.75
CA GLY C 56 -24.61 -2.06 10.31
C GLY C 56 -24.02 -1.90 11.69
N SER C 57 -23.04 -1.02 11.82
CA SER C 57 -22.33 -0.83 13.08
C SER C 57 -22.90 0.37 13.83
N THR C 58 -23.25 0.16 15.09
CA THR C 58 -23.75 1.21 15.95
C THR C 58 -22.75 1.46 17.07
N TYR C 59 -22.75 2.68 17.59
CA TYR C 59 -21.84 3.03 18.67
C TYR C 59 -22.51 4.04 19.57
N TYR C 60 -22.50 3.78 20.87
CA TYR C 60 -23.01 4.71 21.86
C TYR C 60 -21.88 5.21 22.75
N ALA C 61 -22.18 6.26 23.52
CA ALA C 61 -21.24 6.72 24.52
C ALA C 61 -21.34 5.83 25.76
N ASP C 62 -20.48 6.13 26.74
CA ASP C 62 -20.35 5.25 27.88
C ASP C 62 -21.55 5.34 28.82
N SER C 63 -22.06 6.54 29.04
CA SER C 63 -23.12 6.75 30.03
C SER C 63 -24.52 6.63 29.45
N VAL C 64 -24.67 6.31 28.16
CA VAL C 64 -25.96 6.44 27.52
C VAL C 64 -26.35 5.11 26.89
N LYS C 65 -25.39 4.17 26.82
CA LYS C 65 -25.67 2.87 26.23
C LYS C 65 -26.59 2.07 27.14
N GLY C 66 -27.43 1.24 26.55
CA GLY C 66 -28.46 0.51 27.27
C GLY C 66 -29.77 1.26 27.38
N ARG C 67 -29.79 2.56 27.10
CA ARG C 67 -31.01 3.35 27.18
C ARG C 67 -31.40 4.02 25.88
N PHE C 68 -30.46 4.20 24.94
CA PHE C 68 -30.72 4.87 23.68
C PHE C 68 -30.64 3.86 22.54
N THR C 69 -31.23 4.22 21.40
CA THR C 69 -31.14 3.40 20.19
C THR C 69 -31.15 4.32 18.98
N ILE C 70 -30.16 4.18 18.11
CA ILE C 70 -30.02 5.00 16.92
C ILE C 70 -30.29 4.12 15.69
N SER C 71 -31.03 4.68 14.73
CA SER C 71 -31.28 3.98 13.48
C SER C 71 -31.28 5.00 12.36
N ARG C 72 -31.18 4.51 11.13
CA ARG C 72 -31.22 5.39 9.98
C ARG C 72 -31.99 4.71 8.86
N ASP C 73 -32.51 5.53 7.94
CA ASP C 73 -33.28 5.04 6.81
C ASP C 73 -32.79 5.81 5.59
N ASN C 74 -31.94 5.15 4.79
CA ASN C 74 -31.39 5.79 3.59
C ASN C 74 -32.44 6.00 2.51
N SER C 75 -33.53 5.22 2.53
CA SER C 75 -34.57 5.39 1.53
C SER C 75 -35.45 6.59 1.84
N LYS C 76 -35.42 7.07 3.09
CA LYS C 76 -36.19 8.24 3.50
C LYS C 76 -35.32 9.44 3.81
N ASN C 77 -33.99 9.28 3.79
CA ASN C 77 -33.00 10.32 4.08
C ASN C 77 -33.19 10.90 5.48
N THR C 78 -33.45 10.01 6.45
CA THR C 78 -33.65 10.40 7.84
C THR C 78 -32.64 9.69 8.73
N LEU C 79 -32.48 10.24 9.93
CA LEU C 79 -31.65 9.63 10.98
C LEU C 79 -32.47 9.67 12.27
N TYR C 80 -32.71 8.51 12.86
CA TYR C 80 -33.59 8.40 14.01
C TYR C 80 -32.80 8.05 15.26
N LEU C 81 -33.18 8.66 16.38
CA LEU C 81 -32.56 8.36 17.68
C LEU C 81 -33.69 8.17 18.68
N GLN C 82 -33.81 6.96 19.22
CA GLN C 82 -34.86 6.61 20.15
C GLN C 82 -34.30 6.56 21.57
N MET C 83 -35.05 7.13 22.50
CA MET C 83 -34.69 7.14 23.92
C MET C 83 -35.67 6.32 24.72
N SER C 84 -35.15 5.70 25.78
CA SER C 84 -35.97 4.93 26.71
C SER C 84 -35.36 5.05 28.10
N SER C 85 -36.25 5.12 29.09
CA SER C 85 -35.90 5.26 30.52
C SER C 85 -35.05 6.51 30.77
N LEU C 86 -35.67 7.67 30.53
CA LEU C 86 -34.96 8.94 30.61
C LEU C 86 -34.67 9.31 32.06
N ARG C 87 -33.74 10.24 32.23
CA ARG C 87 -33.39 10.80 33.53
C ARG C 87 -33.40 12.32 33.41
N VAL C 88 -33.13 13.00 34.52
CA VAL C 88 -33.03 14.46 34.49
C VAL C 88 -31.69 14.92 33.95
N GLU C 89 -30.73 14.01 33.81
CA GLU C 89 -29.42 14.36 33.26
C GLU C 89 -29.47 14.60 31.76
N ASP C 90 -30.45 14.02 31.07
CA ASP C 90 -30.53 14.05 29.61
C ASP C 90 -31.39 15.20 29.10
N ALA C 91 -31.43 16.30 29.84
CA ALA C 91 -32.11 17.51 29.39
C ALA C 91 -31.09 18.38 28.67
N ALA C 92 -31.24 18.50 27.36
CA ALA C 92 -30.24 19.16 26.53
C ALA C 92 -30.89 19.52 25.19
N VAL C 93 -30.09 20.01 24.28
CA VAL C 93 -30.45 20.05 22.87
C VAL C 93 -29.58 19.03 22.16
N TYR C 94 -30.05 18.51 21.04
CA TYR C 94 -29.41 17.37 20.38
C TYR C 94 -29.07 17.74 18.94
N TYR C 95 -27.80 18.05 18.70
CA TYR C 95 -27.38 18.41 17.35
C TYR C 95 -27.12 17.16 16.52
N CYS C 96 -27.42 17.27 15.23
CA CYS C 96 -27.19 16.21 14.26
C CYS C 96 -26.14 16.69 13.28
N VAL C 97 -25.09 15.89 13.09
CA VAL C 97 -23.96 16.27 12.25
C VAL C 97 -23.82 15.26 11.13
N LYS C 98 -22.79 15.41 10.29
CA LYS C 98 -22.49 14.42 9.27
C LYS C 98 -20.99 14.42 9.02
N HIS C 99 -20.48 13.30 8.51
CA HIS C 99 -19.06 13.16 8.26
C HIS C 99 -18.59 14.05 7.11
N TYR C 100 -17.28 14.28 7.09
CA TYR C 100 -16.61 14.87 5.95
C TYR C 100 -16.02 13.82 5.03
N GLN C 101 -15.60 12.69 5.58
CA GLN C 101 -15.13 11.55 4.81
C GLN C 101 -16.33 10.76 4.29
N GLN C 102 -16.07 9.91 3.30
CA GLN C 102 -17.14 9.04 2.80
C GLN C 102 -17.27 7.79 3.65
N GLN C 103 -16.24 6.92 3.66
CA GLN C 103 -16.37 5.65 4.36
C GLN C 103 -15.08 5.13 4.99
N LEU C 104 -14.05 5.94 5.19
CA LEU C 104 -12.80 5.43 5.75
C LEU C 104 -12.05 6.57 6.44
N LEU C 105 -11.10 6.20 7.32
CA LEU C 105 -10.26 7.09 8.15
C LEU C 105 -11.12 7.95 9.07
N TRP C 106 -12.06 7.29 9.76
CA TRP C 106 -13.24 7.92 10.35
C TRP C 106 -12.88 8.95 11.41
N GLY C 107 -13.11 10.20 11.09
CA GLY C 107 -12.84 11.28 12.01
C GLY C 107 -13.26 12.64 11.49
N GLY C 108 -13.91 13.42 12.34
CA GLY C 108 -14.23 14.79 12.04
C GLY C 108 -15.53 14.94 11.29
N PRO C 109 -16.44 15.74 11.81
CA PRO C 109 -17.67 16.05 11.09
C PRO C 109 -17.51 17.33 10.27
N ASP C 110 -18.51 17.59 9.45
CA ASP C 110 -18.42 18.67 8.47
C ASP C 110 -19.38 19.81 8.74
N VAL C 111 -20.68 19.55 8.79
CA VAL C 111 -21.69 20.58 9.01
C VAL C 111 -22.48 20.24 10.25
N TRP C 112 -23.06 21.25 10.87
CA TRP C 112 -23.86 21.06 12.06
C TRP C 112 -25.28 21.53 11.82
N GLY C 113 -26.22 20.90 12.50
CA GLY C 113 -27.63 21.14 12.25
C GLY C 113 -28.16 22.38 12.94
N GLN C 114 -29.28 22.25 13.65
CA GLN C 114 -29.83 23.36 14.41
C GLN C 114 -30.34 22.97 15.79
N GLY C 115 -30.28 21.69 16.16
CA GLY C 115 -30.61 21.29 17.50
C GLY C 115 -32.09 21.18 17.79
N THR C 116 -32.44 20.29 18.70
CA THR C 116 -33.82 20.12 19.15
C THR C 116 -33.85 20.12 20.67
N THR C 117 -34.57 21.07 21.24
CA THR C 117 -34.66 21.22 22.69
C THR C 117 -35.55 20.13 23.26
N VAL C 118 -35.04 19.42 24.27
CA VAL C 118 -35.87 18.52 25.08
C VAL C 118 -35.76 18.96 26.53
N THR C 119 -36.85 18.80 27.27
CA THR C 119 -36.90 19.12 28.70
C THR C 119 -37.49 17.93 29.44
N VAL C 120 -36.99 17.68 30.64
CA VAL C 120 -37.52 16.64 31.50
C VAL C 120 -37.67 17.20 32.92
N SER C 121 -38.90 17.18 33.43
CA SER C 121 -39.23 17.69 34.75
C SER C 121 -40.59 17.13 35.13
N SER C 122 -41.14 17.63 36.23
CA SER C 122 -42.47 17.23 36.68
C SER C 122 -43.45 18.39 36.60
N ASP D 1 -16.82 7.74 -21.66
CA ASP D 1 -16.24 6.52 -22.23
C ASP D 1 -15.19 6.87 -23.27
N ILE D 2 -14.25 5.95 -23.48
CA ILE D 2 -13.26 6.05 -24.54
C ILE D 2 -13.39 4.80 -25.40
N GLN D 3 -13.62 4.99 -26.69
CA GLN D 3 -13.81 3.87 -27.60
C GLN D 3 -12.45 3.45 -28.16
N MET D 4 -12.22 2.13 -28.21
CA MET D 4 -10.93 1.58 -28.58
C MET D 4 -11.06 0.79 -29.88
N THR D 5 -10.40 1.26 -30.92
CA THR D 5 -10.32 0.53 -32.18
C THR D 5 -8.99 -0.20 -32.26
N GLN D 6 -9.03 -1.37 -32.90
CA GLN D 6 -7.87 -2.26 -32.97
C GLN D 6 -7.91 -3.01 -34.28
N SER D 7 -6.91 -2.76 -35.14
CA SER D 7 -6.86 -3.36 -36.46
C SER D 7 -5.69 -4.33 -36.53
N PRO D 8 -5.85 -5.51 -37.16
CA PRO D 8 -7.01 -6.04 -37.89
C PRO D 8 -8.06 -6.69 -36.99
N SER D 9 -8.86 -7.58 -37.58
CA SER D 9 -9.83 -8.34 -36.82
C SER D 9 -9.58 -9.84 -36.88
N SER D 10 -8.82 -10.32 -37.86
CA SER D 10 -8.33 -11.69 -37.90
C SER D 10 -7.06 -11.70 -38.74
N LEU D 11 -5.99 -12.28 -38.19
CA LEU D 11 -4.68 -12.20 -38.83
C LEU D 11 -4.12 -13.60 -39.01
N SER D 12 -3.37 -13.78 -40.10
CA SER D 12 -2.65 -15.03 -40.38
C SER D 12 -1.20 -14.68 -40.68
N ALA D 13 -0.29 -15.49 -40.15
CA ALA D 13 1.14 -15.23 -40.33
C ALA D 13 1.93 -16.51 -40.16
N SER D 14 3.20 -16.45 -40.53
CA SER D 14 4.10 -17.59 -40.46
C SER D 14 5.02 -17.48 -39.24
N VAL D 15 5.53 -18.63 -38.81
CA VAL D 15 6.33 -18.75 -37.60
C VAL D 15 7.67 -18.03 -37.76
N GLY D 16 7.86 -16.97 -36.97
CA GLY D 16 9.12 -16.27 -36.97
C GLY D 16 9.02 -14.82 -37.41
N ASP D 17 7.99 -14.49 -38.18
CA ASP D 17 7.86 -13.15 -38.73
C ASP D 17 7.41 -12.18 -37.64
N ARG D 18 7.80 -10.93 -37.79
CA ARG D 18 7.43 -9.87 -36.87
C ARG D 18 5.98 -9.47 -37.15
N VAL D 19 5.09 -9.77 -36.21
CA VAL D 19 3.67 -9.49 -36.33
C VAL D 19 3.36 -8.23 -35.55
N THR D 20 2.76 -7.25 -36.22
CA THR D 20 2.37 -6.00 -35.58
C THR D 20 0.86 -5.90 -35.52
N ILE D 21 0.36 -5.44 -34.38
CA ILE D 21 -1.08 -5.31 -34.13
C ILE D 21 -1.32 -3.95 -33.50
N THR D 22 -2.11 -3.11 -34.16
CA THR D 22 -2.27 -1.71 -33.80
C THR D 22 -3.60 -1.51 -33.09
N CYS D 23 -3.56 -0.79 -31.96
CA CYS D 23 -4.76 -0.39 -31.23
C CYS D 23 -4.78 1.13 -31.09
N ARG D 24 -5.84 1.75 -31.60
CA ARG D 24 -5.97 3.19 -31.62
C ARG D 24 -7.07 3.63 -30.66
N ALA D 25 -6.83 4.75 -29.97
CA ALA D 25 -7.75 5.28 -28.98
C ALA D 25 -8.49 6.49 -29.52
N SER D 26 -9.62 6.81 -28.87
CA SER D 26 -10.41 7.97 -29.28
C SER D 26 -9.78 9.26 -28.78
N GLN D 27 -9.66 9.42 -27.48
CA GLN D 27 -9.04 10.60 -26.87
C GLN D 27 -7.72 10.21 -26.24
N SER D 28 -7.07 11.18 -25.60
CA SER D 28 -5.72 10.99 -25.12
C SER D 28 -5.70 10.12 -23.87
N ILE D 29 -4.89 9.07 -23.89
CA ILE D 29 -4.72 8.14 -22.78
C ILE D 29 -3.24 7.99 -22.48
N SER D 30 -2.80 8.54 -21.37
CA SER D 30 -1.36 8.59 -21.10
C SER D 30 -0.93 7.26 -20.50
N ASN D 31 -0.29 6.44 -21.33
CA ASN D 31 0.36 5.15 -21.02
C ASN D 31 -0.41 4.20 -20.11
N PHE D 32 -1.73 4.22 -20.17
CA PHE D 32 -2.56 3.38 -19.32
C PHE D 32 -3.20 2.27 -20.13
N LEU D 33 -2.49 1.73 -21.10
CA LEU D 33 -3.04 0.74 -22.01
C LEU D 33 -2.59 -0.67 -21.61
N ASN D 34 -3.47 -1.64 -21.87
CA ASN D 34 -3.18 -3.04 -21.59
C ASN D 34 -3.39 -3.86 -22.85
N TRP D 35 -2.78 -5.04 -22.87
CA TRP D 35 -3.00 -6.07 -23.89
C TRP D 35 -3.15 -7.39 -23.17
N TYR D 36 -4.00 -8.27 -23.67
CA TYR D 36 -4.24 -9.56 -23.04
C TYR D 36 -4.17 -10.67 -24.08
N GLN D 37 -3.97 -11.90 -23.61
CA GLN D 37 -3.87 -13.06 -24.49
C GLN D 37 -4.81 -14.15 -23.99
N GLN D 38 -5.85 -14.43 -24.74
CA GLN D 38 -6.82 -15.45 -24.37
C GLN D 38 -6.73 -16.59 -25.37
N LYS D 39 -6.18 -17.72 -24.93
CA LYS D 39 -6.31 -18.94 -25.72
C LYS D 39 -7.77 -19.42 -25.67
N PRO D 40 -8.26 -20.02 -26.75
CA PRO D 40 -9.68 -20.42 -26.79
C PRO D 40 -10.04 -21.51 -25.79
N GLY D 41 -10.86 -21.15 -24.81
CA GLY D 41 -11.25 -22.06 -23.75
C GLY D 41 -10.67 -21.74 -22.40
N LYS D 42 -9.96 -20.62 -22.25
CA LYS D 42 -9.33 -20.23 -21.01
C LYS D 42 -9.83 -18.86 -20.58
N ALA D 43 -9.23 -18.34 -19.52
CA ALA D 43 -9.40 -16.97 -19.07
C ALA D 43 -8.14 -16.18 -19.37
N PRO D 44 -8.24 -14.96 -19.87
CA PRO D 44 -7.06 -14.29 -20.42
C PRO D 44 -6.07 -13.86 -19.36
N LYS D 45 -4.80 -14.15 -19.62
CA LYS D 45 -3.71 -13.71 -18.78
C LYS D 45 -3.14 -12.42 -19.36
N LEU D 46 -2.76 -11.51 -18.49
CA LEU D 46 -2.19 -10.23 -18.91
C LEU D 46 -0.84 -10.43 -19.55
N LEU D 47 -0.61 -9.75 -20.67
CA LEU D 47 0.72 -9.72 -21.27
C LEU D 47 1.49 -8.47 -20.89
N ILE D 48 0.96 -7.30 -21.24
CA ILE D 48 1.65 -6.04 -21.05
C ILE D 48 0.78 -5.12 -20.23
N TYR D 49 1.27 -4.71 -19.07
CA TYR D 49 0.59 -3.74 -18.23
C TYR D 49 1.27 -2.39 -18.36
N ALA D 50 0.44 -1.34 -18.36
CA ALA D 50 0.85 0.06 -18.53
C ALA D 50 1.63 0.31 -19.81
N ALA D 51 1.28 -0.38 -20.88
CA ALA D 51 1.63 -0.11 -22.29
C ALA D 51 3.09 -0.31 -22.65
N SER D 52 3.97 -0.60 -21.71
CA SER D 52 5.36 -0.89 -22.09
C SER D 52 6.02 -2.01 -21.31
N SER D 53 5.46 -2.44 -20.17
CA SER D 53 6.13 -3.39 -19.30
C SER D 53 5.43 -4.74 -19.39
N LEU D 54 6.21 -5.80 -19.62
CA LEU D 54 5.67 -7.14 -19.72
C LEU D 54 5.19 -7.63 -18.36
N GLN D 55 4.22 -8.54 -18.39
CA GLN D 55 3.86 -9.25 -17.17
C GLN D 55 5.04 -10.11 -16.71
N SER D 56 5.29 -10.12 -15.41
CA SER D 56 6.40 -10.88 -14.85
C SER D 56 6.10 -12.37 -14.98
N GLY D 57 6.73 -13.01 -15.95
CA GLY D 57 6.47 -14.41 -16.21
C GLY D 57 5.86 -14.68 -17.57
N VAL D 58 6.23 -13.86 -18.55
CA VAL D 58 5.74 -14.02 -19.92
C VAL D 58 7.00 -14.19 -20.78
N PRO D 59 6.93 -14.85 -21.94
CA PRO D 59 8.09 -14.87 -22.83
C PRO D 59 8.46 -13.50 -23.34
N SER D 60 9.76 -13.30 -23.58
CA SER D 60 10.32 -11.97 -23.81
C SER D 60 10.22 -11.52 -25.26
N ARG D 61 9.57 -12.28 -26.12
CA ARG D 61 9.43 -11.86 -27.52
C ARG D 61 8.40 -10.76 -27.69
N PHE D 62 7.50 -10.59 -26.72
CA PHE D 62 6.46 -9.57 -26.81
C PHE D 62 7.04 -8.19 -26.52
N SER D 63 6.48 -7.18 -27.20
CA SER D 63 6.93 -5.82 -27.03
C SER D 63 5.82 -4.87 -27.45
N GLY D 64 5.43 -3.98 -26.56
CA GLY D 64 4.41 -2.98 -26.85
C GLY D 64 5.05 -1.61 -26.89
N SER D 65 4.43 -0.69 -27.62
CA SER D 65 4.99 0.64 -27.79
C SER D 65 3.87 1.67 -27.83
N GLY D 66 4.27 2.94 -27.71
CA GLY D 66 3.35 4.03 -27.88
C GLY D 66 3.01 4.79 -26.62
N SER D 67 2.45 5.99 -26.78
CA SER D 67 1.89 6.77 -25.69
C SER D 67 0.87 7.73 -26.29
N GLY D 68 -0.29 7.83 -25.64
CA GLY D 68 -1.32 8.71 -26.12
C GLY D 68 -2.50 7.99 -26.76
N THR D 69 -2.59 8.02 -28.08
CA THR D 69 -3.72 7.46 -28.79
C THR D 69 -3.43 6.16 -29.52
N ASP D 70 -2.24 6.00 -30.10
CA ASP D 70 -1.92 4.86 -30.95
C ASP D 70 -0.88 3.98 -30.26
N PHE D 71 -1.14 2.67 -30.24
CA PHE D 71 -0.23 1.70 -29.66
C PHE D 71 -0.17 0.48 -30.56
N THR D 72 1.05 -0.05 -30.73
CA THR D 72 1.26 -1.26 -31.52
C THR D 72 1.82 -2.35 -30.63
N LEU D 73 1.42 -3.59 -30.92
CA LEU D 73 1.94 -4.78 -30.25
C LEU D 73 2.76 -5.57 -31.26
N THR D 74 4.05 -5.70 -31.00
CA THR D 74 4.98 -6.32 -31.96
C THR D 74 5.58 -7.57 -31.35
N ILE D 75 5.13 -8.73 -31.79
CA ILE D 75 5.78 -10.00 -31.47
C ILE D 75 6.98 -10.13 -32.38
N SER D 76 8.14 -10.48 -31.82
CA SER D 76 9.36 -10.56 -32.62
C SER D 76 9.36 -11.78 -33.52
N SER D 77 9.32 -12.97 -32.93
CA SER D 77 9.30 -14.24 -33.66
C SER D 77 8.24 -15.13 -33.05
N LEU D 78 7.30 -15.60 -33.87
CA LEU D 78 6.16 -16.35 -33.38
C LEU D 78 6.57 -17.74 -32.91
N GLN D 79 5.63 -18.43 -32.28
CA GLN D 79 5.79 -19.79 -31.79
C GLN D 79 4.45 -20.49 -31.95
N PRO D 80 4.43 -21.83 -31.92
CA PRO D 80 3.13 -22.53 -31.94
C PRO D 80 2.32 -22.39 -30.67
N GLU D 81 2.92 -21.89 -29.59
CA GLU D 81 2.20 -21.65 -28.34
C GLU D 81 1.68 -20.22 -28.23
N ASP D 82 1.89 -19.40 -29.26
CA ASP D 82 1.58 -17.97 -29.22
C ASP D 82 0.56 -17.60 -30.29
N PHE D 83 -0.47 -18.42 -30.45
CA PHE D 83 -1.53 -18.15 -31.41
C PHE D 83 -2.86 -18.08 -30.66
N ALA D 84 -3.31 -16.87 -30.37
CA ALA D 84 -4.52 -16.66 -29.58
C ALA D 84 -5.10 -15.30 -29.92
N THR D 85 -6.06 -14.85 -29.12
CA THR D 85 -6.71 -13.56 -29.29
C THR D 85 -5.94 -12.51 -28.50
N TYR D 86 -5.68 -11.38 -29.15
CA TYR D 86 -4.97 -10.31 -28.49
C TYR D 86 -5.92 -9.17 -28.33
N TYR D 87 -6.23 -8.81 -27.08
CA TYR D 87 -7.08 -7.67 -26.76
C TYR D 87 -6.34 -6.41 -26.44
N CYS D 88 -7.07 -5.30 -26.30
CA CYS D 88 -6.53 -3.96 -26.07
C CYS D 88 -7.47 -3.22 -25.14
N GLN D 89 -6.97 -2.89 -23.96
CA GLN D 89 -7.78 -2.24 -22.94
C GLN D 89 -7.03 -1.03 -22.43
N GLN D 90 -7.75 0.02 -22.06
CA GLN D 90 -7.14 1.25 -21.57
C GLN D 90 -7.61 1.51 -20.15
N SER D 91 -6.66 1.82 -19.27
CA SER D 91 -6.98 2.09 -17.88
C SER D 91 -6.98 3.59 -17.58
N TYR D 92 -7.79 4.36 -18.32
CA TYR D 92 -7.79 5.80 -18.09
C TYR D 92 -9.09 6.33 -17.52
N SER D 93 -10.20 6.14 -18.20
CA SER D 93 -11.42 6.79 -17.74
C SER D 93 -12.07 5.98 -16.64
N THR D 94 -13.14 6.53 -16.10
CA THR D 94 -13.98 5.79 -15.17
C THR D 94 -14.73 4.66 -15.86
N LEU D 95 -14.80 4.67 -17.19
CA LEU D 95 -15.45 3.64 -17.98
C LEU D 95 -14.35 2.93 -18.77
N TYR D 96 -13.89 1.80 -18.24
CA TYR D 96 -12.89 0.99 -18.92
C TYR D 96 -13.51 0.34 -20.15
N SER D 97 -12.73 0.21 -21.21
CA SER D 97 -13.26 -0.35 -22.43
C SER D 97 -12.20 -1.21 -23.10
N PHE D 98 -12.67 -2.25 -23.79
CA PHE D 98 -11.80 -3.23 -24.42
C PHE D 98 -11.75 -3.02 -25.93
N GLY D 99 -10.75 -3.65 -26.56
CA GLY D 99 -10.68 -3.68 -28.00
C GLY D 99 -11.49 -4.84 -28.54
N GLN D 100 -11.32 -5.17 -29.82
CA GLN D 100 -12.07 -6.28 -30.40
C GLN D 100 -11.26 -7.56 -30.48
N GLY D 101 -9.95 -7.48 -30.51
CA GLY D 101 -9.14 -8.68 -30.55
C GLY D 101 -8.74 -9.05 -31.97
N THR D 102 -7.57 -9.67 -32.07
CA THR D 102 -7.02 -10.12 -33.34
C THR D 102 -6.80 -11.62 -33.24
N LYS D 103 -7.65 -12.39 -33.90
CA LYS D 103 -7.47 -13.84 -33.97
C LYS D 103 -6.23 -14.13 -34.84
N LEU D 104 -5.12 -14.45 -34.20
CA LEU D 104 -3.88 -14.75 -34.90
C LEU D 104 -3.96 -16.19 -35.43
N GLU D 105 -3.70 -16.37 -36.72
CA GLU D 105 -3.86 -17.67 -37.35
C GLU D 105 -2.63 -18.04 -38.18
N ILE D 106 -2.77 -19.13 -38.94
CA ILE D 106 -1.66 -19.79 -39.61
C ILE D 106 -1.86 -19.75 -41.12
N LYS D 107 -0.75 -19.69 -41.85
CA LYS D 107 -0.80 -19.65 -43.31
C LYS D 107 -0.72 -21.05 -43.91
N ASP E 1 -12.09 8.35 25.51
CA ASP E 1 -12.42 9.14 26.69
C ASP E 1 -11.30 10.10 27.05
N ILE E 2 -10.64 10.63 26.04
CA ILE E 2 -9.45 11.45 26.19
C ILE E 2 -9.87 12.79 26.76
N GLN E 3 -9.54 13.05 28.02
CA GLN E 3 -9.92 14.30 28.65
C GLN E 3 -9.07 15.44 28.10
N MET E 4 -9.73 16.39 27.44
CA MET E 4 -9.09 17.58 26.91
C MET E 4 -9.43 18.76 27.81
N THR E 5 -8.42 19.42 28.34
CA THR E 5 -8.58 20.59 29.19
C THR E 5 -8.27 21.82 28.36
N GLN E 6 -9.25 22.72 28.25
CA GLN E 6 -9.15 23.91 27.42
C GLN E 6 -8.80 25.09 28.31
N SER E 7 -7.85 25.92 27.86
CA SER E 7 -7.40 27.05 28.65
C SER E 7 -7.19 28.25 27.74
N PRO E 8 -7.61 29.46 28.15
CA PRO E 8 -8.31 29.77 29.40
C PRO E 8 -9.82 29.52 29.31
N VAL E 9 -10.50 29.49 30.46
CA VAL E 9 -11.94 29.26 30.44
C VAL E 9 -12.69 30.52 30.05
N SER E 10 -12.20 31.68 30.45
CA SER E 10 -12.83 32.94 30.11
C SER E 10 -11.76 34.02 30.06
N LEU E 11 -11.98 35.01 29.20
CA LEU E 11 -10.99 36.07 29.07
C LEU E 11 -11.66 37.33 28.53
N SER E 12 -10.92 38.44 28.63
CA SER E 12 -11.35 39.73 28.10
C SER E 12 -10.33 40.18 27.06
N ALA E 13 -10.75 40.23 25.80
CA ALA E 13 -9.90 40.70 24.72
C ALA E 13 -10.72 41.61 23.81
N SER E 14 -10.25 42.84 23.60
CA SER E 14 -11.00 43.83 22.85
C SER E 14 -10.64 43.76 21.37
N VAL E 15 -11.08 44.76 20.61
CA VAL E 15 -10.75 44.81 19.20
C VAL E 15 -9.35 45.38 19.02
N GLY E 16 -8.51 44.64 18.31
CA GLY E 16 -7.15 45.04 18.07
C GLY E 16 -6.08 44.22 18.77
N ASP E 17 -6.34 42.95 19.08
CA ASP E 17 -5.41 42.09 19.77
C ASP E 17 -5.19 40.80 18.98
N ARG E 18 -4.31 39.95 19.50
CA ARG E 18 -4.01 38.66 18.91
C ARG E 18 -4.18 37.61 20.00
N VAL E 19 -5.18 36.74 19.85
CA VAL E 19 -5.59 35.83 20.90
C VAL E 19 -5.20 34.41 20.51
N THR E 20 -4.95 33.58 21.53
CA THR E 20 -4.63 32.17 21.34
C THR E 20 -5.46 31.36 22.33
N ILE E 21 -5.71 30.10 21.99
CA ILE E 21 -6.50 29.19 22.82
C ILE E 21 -5.79 27.84 22.82
N THR E 22 -5.51 27.31 24.00
CA THR E 22 -4.81 26.05 24.13
C THR E 22 -5.78 24.92 24.50
N CYS E 23 -5.79 23.87 23.68
CA CYS E 23 -6.56 22.66 23.94
C CYS E 23 -5.59 21.49 23.99
N ARG E 24 -5.35 20.96 25.19
CA ARG E 24 -4.34 19.93 25.42
C ARG E 24 -5.01 18.62 25.77
N ALA E 25 -4.63 17.54 25.08
CA ALA E 25 -5.16 16.21 25.33
C ALA E 25 -4.16 15.37 26.11
N SER E 26 -4.67 14.29 26.70
CA SER E 26 -3.83 13.38 27.47
C SER E 26 -3.25 12.27 26.62
N GLN E 27 -4.10 11.44 26.04
CA GLN E 27 -3.66 10.40 25.12
C GLN E 27 -3.35 11.02 23.77
N SER E 28 -2.26 10.59 23.14
CA SER E 28 -1.72 11.28 21.98
C SER E 28 -2.59 11.05 20.76
N ILE E 29 -3.42 12.04 20.44
CA ILE E 29 -4.00 12.16 19.12
C ILE E 29 -2.95 12.79 18.21
N SER E 30 -3.17 12.74 16.90
CA SER E 30 -2.14 13.19 15.96
C SER E 30 -2.81 13.78 14.74
N THR E 31 -2.96 15.11 14.73
CA THR E 31 -3.60 15.88 13.67
C THR E 31 -5.01 15.35 13.42
N TRP E 32 -5.78 15.22 14.50
CA TRP E 32 -7.21 14.95 14.43
C TRP E 32 -7.87 15.92 15.39
N LEU E 33 -8.14 17.13 14.91
CA LEU E 33 -8.70 18.15 15.77
C LEU E 33 -9.53 19.09 14.92
N ALA E 34 -10.68 19.49 15.44
CA ALA E 34 -11.48 20.54 14.82
C ALA E 34 -11.77 21.61 15.87
N TRP E 35 -11.93 22.83 15.40
CA TRP E 35 -12.33 23.93 16.26
C TRP E 35 -13.75 24.34 15.90
N TYR E 36 -14.36 25.14 16.77
CA TYR E 36 -15.75 25.51 16.60
C TYR E 36 -15.94 26.96 16.99
N GLN E 37 -17.14 27.47 16.72
CA GLN E 37 -17.54 28.82 17.12
C GLN E 37 -19.05 28.77 17.34
N GLN E 38 -19.47 28.83 18.59
CA GLN E 38 -20.88 28.74 18.93
C GLN E 38 -21.37 30.09 19.43
N LYS E 39 -22.03 30.84 18.54
CA LYS E 39 -22.80 31.99 18.98
C LYS E 39 -23.99 31.51 19.81
N PRO E 40 -24.32 32.19 20.93
CA PRO E 40 -25.30 31.64 21.86
C PRO E 40 -26.72 31.63 21.32
N GLY E 41 -27.29 30.43 21.19
CA GLY E 41 -28.65 30.31 20.73
C GLY E 41 -28.87 29.21 19.71
N LYS E 42 -27.82 28.83 19.00
CA LYS E 42 -27.98 27.85 17.92
C LYS E 42 -26.70 27.02 17.83
N ALA E 43 -26.55 26.30 16.71
CA ALA E 43 -25.52 25.29 16.57
C ALA E 43 -24.15 25.93 16.32
N PRO E 44 -23.08 25.22 16.65
CA PRO E 44 -21.74 25.73 16.34
C PRO E 44 -21.46 25.70 14.84
N LYS E 45 -20.40 26.38 14.47
CA LYS E 45 -19.93 26.44 13.10
C LYS E 45 -18.47 26.00 13.07
N LEU E 46 -18.13 25.15 12.12
CA LEU E 46 -16.78 24.61 12.04
C LEU E 46 -15.83 25.67 11.51
N LEU E 47 -14.68 25.83 12.17
CA LEU E 47 -13.66 26.76 11.72
C LEU E 47 -12.50 26.06 11.02
N ILE E 48 -11.86 25.12 11.71
CA ILE E 48 -10.70 24.42 11.21
C ILE E 48 -11.00 22.93 11.22
N TYR E 49 -10.62 22.23 10.15
CA TYR E 49 -10.68 20.79 10.08
C TYR E 49 -9.25 20.26 10.04
N GLU E 50 -9.01 19.17 10.77
CA GLU E 50 -7.71 18.49 10.86
C GLU E 50 -6.59 19.42 11.31
N THR E 51 -6.94 20.37 12.20
CA THR E 51 -6.12 21.32 12.97
C THR E 51 -5.22 22.24 12.15
N SER E 52 -5.23 22.14 10.83
CA SER E 52 -4.48 23.12 10.03
C SER E 52 -5.29 23.62 8.84
N SER E 53 -6.14 22.76 8.29
CA SER E 53 -6.79 23.03 7.01
C SER E 53 -7.93 24.01 7.24
N LEU E 54 -7.76 25.23 6.75
CA LEU E 54 -8.73 26.29 6.97
C LEU E 54 -9.96 26.04 6.10
N GLU E 55 -11.13 25.97 6.75
CA GLU E 55 -12.37 25.70 6.04
C GLU E 55 -12.80 26.90 5.21
N SER E 56 -13.38 26.61 4.04
CA SER E 56 -13.84 27.64 3.12
C SER E 56 -15.11 28.29 3.66
N GLY E 57 -15.20 29.60 3.53
CA GLY E 57 -16.35 30.34 3.99
C GLY E 57 -16.17 31.08 5.29
N VAL E 58 -15.03 30.94 5.95
CA VAL E 58 -14.73 31.68 7.17
C VAL E 58 -13.56 32.61 6.87
N PRO E 59 -13.38 33.71 7.61
CA PRO E 59 -12.27 34.61 7.30
C PRO E 59 -10.92 33.99 7.64
N SER E 60 -9.87 34.55 7.04
CA SER E 60 -8.52 34.03 7.15
C SER E 60 -7.79 34.45 8.41
N ARG E 61 -8.46 35.13 9.35
CA ARG E 61 -7.79 35.48 10.60
C ARG E 61 -7.63 34.27 11.50
N PHE E 62 -8.48 33.25 11.34
CA PHE E 62 -8.31 32.00 12.07
C PHE E 62 -7.21 31.16 11.42
N SER E 63 -6.39 30.53 12.26
CA SER E 63 -5.33 29.67 11.76
C SER E 63 -4.91 28.66 12.82
N GLY E 64 -4.91 27.38 12.45
CA GLY E 64 -4.56 26.34 13.39
C GLY E 64 -3.07 26.17 13.53
N SER E 65 -2.69 25.38 14.52
CA SER E 65 -1.30 25.07 14.81
C SER E 65 -1.27 23.79 15.63
N GLY E 66 -0.07 23.40 16.06
CA GLY E 66 0.10 22.29 16.98
C GLY E 66 -0.03 20.92 16.37
N SER E 67 0.60 19.94 17.00
CA SER E 67 0.53 18.55 16.59
C SER E 67 0.85 17.67 17.78
N GLY E 68 0.10 16.59 17.92
CA GLY E 68 0.30 15.66 19.02
C GLY E 68 -0.66 15.96 20.16
N THR E 69 -0.10 16.34 21.32
CA THR E 69 -0.91 16.51 22.50
C THR E 69 -1.69 17.83 22.47
N GLU E 70 -0.97 18.96 22.46
CA GLU E 70 -1.61 20.26 22.62
C GLU E 70 -1.62 21.02 21.31
N PHE E 71 -2.62 21.90 21.16
CA PHE E 71 -2.84 22.68 19.95
C PHE E 71 -3.15 24.11 20.32
N THR E 72 -2.88 25.02 19.39
CA THR E 72 -3.12 26.46 19.60
C THR E 72 -3.85 27.04 18.40
N LEU E 73 -5.15 27.27 18.54
CA LEU E 73 -5.88 28.11 17.61
C LEU E 73 -5.52 29.57 17.87
N THR E 74 -5.22 30.30 16.81
CA THR E 74 -4.89 31.71 16.93
C THR E 74 -5.79 32.55 16.03
N ILE E 75 -5.98 33.80 16.43
CA ILE E 75 -6.67 34.81 15.63
C ILE E 75 -5.71 35.98 15.54
N SER E 76 -5.48 36.48 14.32
CA SER E 76 -4.49 37.55 14.14
C SER E 76 -5.00 38.87 14.70
N SER E 77 -6.10 39.39 14.16
CA SER E 77 -6.69 40.64 14.60
C SER E 77 -8.14 40.39 14.97
N LEU E 78 -8.53 40.85 16.16
CA LEU E 78 -9.90 40.65 16.63
C LEU E 78 -10.89 41.49 15.85
N GLN E 79 -12.10 40.97 15.71
CA GLN E 79 -13.18 41.56 14.94
C GLN E 79 -14.44 41.53 15.78
N PRO E 80 -15.42 42.40 15.48
CA PRO E 80 -16.67 42.39 16.26
C PRO E 80 -17.53 41.14 16.09
N ASP E 81 -17.25 40.28 15.12
CA ASP E 81 -17.99 39.04 14.94
C ASP E 81 -17.36 37.86 15.66
N ASP E 82 -16.65 38.11 16.76
CA ASP E 82 -16.01 37.06 17.55
C ASP E 82 -16.62 36.92 18.93
N PHE E 83 -17.91 37.25 19.09
CA PHE E 83 -18.58 37.21 20.39
C PHE E 83 -19.22 35.84 20.59
N ALA E 84 -18.37 34.82 20.58
CA ALA E 84 -18.84 33.45 20.70
C ALA E 84 -17.79 32.61 21.41
N THR E 85 -18.22 31.41 21.79
CA THR E 85 -17.35 30.45 22.47
C THR E 85 -16.67 29.56 21.43
N TYR E 86 -15.38 29.32 21.64
CA TYR E 86 -14.60 28.48 20.74
C TYR E 86 -14.34 27.14 21.42
N TYR E 87 -14.78 26.06 20.79
CA TYR E 87 -14.61 24.71 21.32
C TYR E 87 -13.53 23.96 20.55
N CYS E 88 -12.99 22.92 21.17
CA CYS E 88 -12.05 22.01 20.52
C CYS E 88 -12.60 20.60 20.61
N GLN E 89 -12.22 19.76 19.64
CA GLN E 89 -12.78 18.42 19.52
C GLN E 89 -11.76 17.48 18.93
N GLN E 90 -11.52 16.36 19.60
CA GLN E 90 -10.69 15.30 19.08
C GLN E 90 -11.57 14.27 18.38
N PHE E 91 -11.02 13.62 17.36
CA PHE E 91 -11.70 12.49 16.74
C PHE E 91 -10.73 11.39 16.35
N ASN E 92 -9.68 11.19 17.15
CA ASN E 92 -8.80 10.04 16.95
C ASN E 92 -9.46 8.77 17.45
N SER E 93 -9.68 8.68 18.75
CA SER E 93 -10.41 7.56 19.31
C SER E 93 -11.88 7.90 19.39
N TYR E 94 -12.72 6.91 19.19
CA TYR E 94 -14.09 7.22 18.79
C TYR E 94 -15.02 7.81 19.84
N PRO E 95 -14.86 7.59 21.15
CA PRO E 95 -15.52 8.51 22.09
C PRO E 95 -14.98 9.91 21.89
N TRP E 96 -15.81 10.78 21.32
CA TRP E 96 -15.45 12.15 21.05
C TRP E 96 -15.58 12.94 22.34
N THR E 97 -14.51 13.60 22.75
CA THR E 97 -14.55 14.43 23.93
C THR E 97 -14.29 15.87 23.53
N PHE E 98 -15.33 16.68 23.54
CA PHE E 98 -15.21 18.10 23.27
C PHE E 98 -14.60 18.80 24.47
N GLY E 99 -14.11 20.01 24.24
CA GLY E 99 -13.48 20.78 25.30
C GLY E 99 -14.49 21.37 26.27
N GLN E 100 -13.97 22.19 27.18
CA GLN E 100 -14.84 22.90 28.10
C GLN E 100 -15.38 24.17 27.48
N GLY E 101 -14.53 24.94 26.82
CA GLY E 101 -14.94 26.16 26.14
C GLY E 101 -14.09 27.33 26.56
N THR E 102 -14.26 28.42 25.80
CA THR E 102 -13.54 29.66 26.06
C THR E 102 -14.49 30.82 25.82
N LYS E 103 -14.99 31.43 26.89
CA LYS E 103 -15.88 32.57 26.77
C LYS E 103 -15.05 33.79 26.36
N VAL E 104 -15.13 34.16 25.08
CA VAL E 104 -14.39 35.31 24.57
C VAL E 104 -15.30 36.52 24.76
N GLU E 105 -15.01 37.31 25.79
CA GLU E 105 -15.73 38.55 26.04
C GLU E 105 -14.94 39.69 25.43
N ILE E 106 -15.58 40.43 24.51
CA ILE E 106 -14.98 41.63 23.93
C ILE E 106 -15.50 42.82 24.73
N LYS E 107 -14.62 43.39 25.56
CA LYS E 107 -14.95 44.59 26.29
C LYS E 107 -14.68 45.79 25.39
N GLN F 1 38.39 -13.86 11.47
CA GLN F 1 38.62 -13.33 12.81
C GLN F 1 37.30 -12.87 13.43
N VAL F 2 36.30 -12.63 12.57
CA VAL F 2 34.97 -12.22 13.00
C VAL F 2 34.03 -13.40 12.83
N GLN F 3 33.22 -13.66 13.85
CA GLN F 3 32.35 -14.81 13.84
C GLN F 3 31.16 -14.54 14.76
N LEU F 4 30.10 -15.29 14.54
CA LEU F 4 28.90 -15.18 15.35
C LEU F 4 28.64 -16.52 16.00
N VAL F 5 28.29 -16.52 17.28
CA VAL F 5 27.96 -17.72 18.01
C VAL F 5 26.50 -17.63 18.44
N GLN F 6 25.74 -18.68 18.18
CA GLN F 6 24.32 -18.67 18.46
C GLN F 6 24.02 -19.38 19.77
N SER F 7 22.75 -19.58 20.04
CA SER F 7 22.32 -20.36 21.17
C SER F 7 22.27 -21.83 20.81
N GLY F 8 21.95 -22.66 21.78
CA GLY F 8 21.83 -24.09 21.57
C GLY F 8 20.55 -24.45 20.86
N ALA F 9 20.28 -25.75 20.84
CA ALA F 9 19.04 -26.23 20.26
C ALA F 9 17.86 -25.89 21.17
N GLU F 10 16.67 -25.94 20.60
CA GLU F 10 15.45 -25.74 21.36
C GLU F 10 14.51 -26.90 21.09
N VAL F 11 13.51 -27.05 21.95
CA VAL F 11 12.36 -27.90 21.70
C VAL F 11 11.14 -27.19 22.27
N LYS F 12 10.10 -27.04 21.44
CA LYS F 12 8.95 -26.23 21.79
C LYS F 12 7.67 -26.95 21.44
N LYS F 13 6.66 -26.79 22.29
CA LYS F 13 5.33 -27.28 21.99
C LYS F 13 4.73 -26.47 20.84
N PRO F 14 3.90 -27.11 20.01
CA PRO F 14 3.28 -26.37 18.89
C PRO F 14 2.27 -25.33 19.35
N GLY F 15 2.60 -24.06 19.16
CA GLY F 15 1.74 -22.98 19.60
C GLY F 15 2.46 -22.00 20.49
N SER F 16 3.59 -22.41 21.06
CA SER F 16 4.37 -21.55 21.95
C SER F 16 5.28 -20.65 21.13
N SER F 17 6.23 -20.00 21.78
CA SER F 17 7.09 -19.01 21.13
C SER F 17 8.54 -19.30 21.49
N VAL F 18 9.43 -19.13 20.53
CA VAL F 18 10.84 -19.43 20.72
C VAL F 18 11.63 -18.14 20.60
N LYS F 19 12.80 -18.10 21.25
CA LYS F 19 13.70 -16.95 21.18
C LYS F 19 15.10 -17.45 20.88
N VAL F 20 15.66 -17.00 19.77
CA VAL F 20 16.98 -17.42 19.31
C VAL F 20 17.89 -16.20 19.37
N SER F 21 19.12 -16.39 19.86
CA SER F 21 20.09 -15.31 20.03
C SER F 21 21.28 -15.53 19.12
N CYS F 22 21.93 -14.45 18.72
CA CYS F 22 23.09 -14.52 17.83
C CYS F 22 24.11 -13.51 18.33
N LYS F 23 24.99 -13.94 19.23
CA LYS F 23 25.95 -13.03 19.83
C LYS F 23 27.13 -12.80 18.90
N ALA F 24 27.26 -11.58 18.41
CA ALA F 24 28.35 -11.23 17.53
C ALA F 24 29.65 -11.08 18.30
N SER F 25 30.76 -11.08 17.57
CA SER F 25 32.08 -10.97 18.16
C SER F 25 33.04 -10.47 17.08
N GLY F 26 34.29 -10.27 17.47
CA GLY F 26 35.32 -9.94 16.51
C GLY F 26 35.41 -8.48 16.11
N GLY F 27 34.28 -7.79 16.09
CA GLY F 27 34.25 -6.39 15.71
C GLY F 27 33.14 -5.63 16.41
N THR F 28 32.70 -4.53 15.81
CA THR F 28 31.65 -3.71 16.39
C THR F 28 30.28 -4.27 16.04
N PHE F 29 29.34 -4.14 16.99
CA PHE F 29 27.98 -4.53 16.69
C PHE F 29 27.25 -3.45 15.92
N SER F 30 27.66 -2.19 16.07
CA SER F 30 26.95 -1.10 15.40
C SER F 30 27.19 -1.05 13.90
N SER F 31 28.22 -1.72 13.39
CA SER F 31 28.43 -1.81 11.95
C SER F 31 28.04 -3.18 11.40
N PHE F 32 27.18 -3.91 12.09
CA PHE F 32 26.69 -5.20 11.63
C PHE F 32 25.24 -5.05 11.19
N ALA F 33 24.81 -5.92 10.29
CA ALA F 33 23.52 -5.82 9.62
C ALA F 33 22.83 -7.17 9.62
N ILE F 34 22.73 -7.77 10.81
CA ILE F 34 22.45 -9.20 11.00
C ILE F 34 21.11 -9.60 10.41
N SER F 35 21.15 -10.53 9.46
CA SER F 35 19.98 -11.03 8.76
C SER F 35 19.77 -12.50 9.07
N TRP F 36 18.52 -12.90 9.24
CA TRP F 36 18.19 -14.22 9.76
C TRP F 36 17.75 -15.14 8.63
N VAL F 37 18.50 -16.20 8.40
CA VAL F 37 18.24 -17.13 7.31
C VAL F 37 17.75 -18.47 7.85
N ARG F 38 16.60 -18.90 7.38
CA ARG F 38 16.00 -20.17 7.76
C ARG F 38 16.57 -21.28 6.90
N GLN F 39 16.50 -22.51 7.39
CA GLN F 39 16.69 -23.69 6.53
C GLN F 39 15.92 -24.85 7.13
N ALA F 40 15.04 -25.45 6.33
CA ALA F 40 14.30 -26.64 6.71
C ALA F 40 15.25 -27.84 6.74
N PRO F 41 14.90 -28.98 7.38
CA PRO F 41 15.82 -30.13 7.31
C PRO F 41 15.86 -30.78 5.94
N GLY F 42 16.95 -30.57 5.20
CA GLY F 42 17.09 -31.13 3.89
C GLY F 42 16.41 -30.37 2.77
N GLN F 43 16.40 -29.04 2.83
CA GLN F 43 15.74 -28.23 1.81
C GLN F 43 16.61 -27.01 1.55
N GLY F 44 16.03 -26.04 0.85
CA GLY F 44 16.77 -24.85 0.49
C GLY F 44 16.65 -23.75 1.53
N LEU F 45 17.54 -22.77 1.39
CA LEU F 45 17.59 -21.66 2.34
C LEU F 45 16.42 -20.72 2.10
N GLU F 46 16.24 -19.79 3.04
CA GLU F 46 15.07 -18.92 3.05
C GLU F 46 15.39 -17.71 3.90
N TRP F 47 15.00 -16.53 3.43
CA TRP F 47 15.32 -15.28 4.12
C TRP F 47 14.15 -14.83 4.98
N MET F 48 14.45 -14.37 6.19
CA MET F 48 13.41 -13.98 7.14
C MET F 48 13.39 -12.49 7.45
N GLY F 49 14.54 -11.83 7.52
CA GLY F 49 14.55 -10.40 7.77
C GLY F 49 15.89 -9.96 8.30
N GLY F 50 16.16 -8.68 8.15
CA GLY F 50 17.44 -8.15 8.57
C GLY F 50 17.37 -6.85 9.33
N ILE F 51 17.95 -6.81 10.52
CA ILE F 51 17.91 -5.64 11.38
C ILE F 51 19.20 -4.87 11.24
N ILE F 52 19.12 -3.56 11.42
CA ILE F 52 20.26 -2.66 11.48
C ILE F 52 20.26 -2.00 12.85
N PRO F 53 21.13 -2.41 13.78
CA PRO F 53 21.01 -1.96 15.17
C PRO F 53 21.34 -0.50 15.42
N ILE F 54 21.99 0.19 14.47
CA ILE F 54 22.22 1.61 14.67
C ILE F 54 20.95 2.39 14.35
N TYR F 55 20.22 1.99 13.32
CA TYR F 55 18.96 2.66 13.01
C TYR F 55 17.81 2.05 13.80
N GLY F 56 17.75 0.73 13.88
CA GLY F 56 16.63 0.03 14.46
C GLY F 56 15.63 -0.50 13.46
N THR F 57 15.89 -0.33 12.17
CA THR F 57 14.99 -0.78 11.13
C THR F 57 15.06 -2.29 10.95
N ALA F 58 13.90 -2.92 10.77
CA ALA F 58 13.84 -4.39 10.64
C ALA F 58 12.91 -4.74 9.49
N ASN F 59 13.45 -4.81 8.28
CA ASN F 59 12.68 -5.17 7.09
C ASN F 59 12.48 -6.67 7.06
N TYR F 60 11.25 -7.11 7.27
CA TYR F 60 10.96 -8.53 7.24
C TYR F 60 10.67 -8.97 5.82
N ALA F 61 10.60 -10.28 5.64
CA ALA F 61 10.10 -10.83 4.38
C ALA F 61 8.59 -10.99 4.46
N GLN F 62 7.97 -11.20 3.30
CA GLN F 62 6.51 -11.13 3.23
C GLN F 62 5.84 -12.31 3.91
N LYS F 63 6.52 -13.46 3.98
CA LYS F 63 5.93 -14.59 4.68
C LYS F 63 5.95 -14.37 6.19
N PHE F 64 7.07 -13.88 6.71
CA PHE F 64 7.23 -13.68 8.15
C PHE F 64 7.02 -12.20 8.48
N GLN F 65 5.76 -11.78 8.45
CA GLN F 65 5.40 -10.43 8.88
C GLN F 65 4.52 -10.56 10.11
N GLY F 66 4.96 -9.97 11.22
CA GLY F 66 4.19 -10.02 12.44
C GLY F 66 4.39 -11.24 13.29
N ARG F 67 4.93 -12.33 12.73
CA ARG F 67 5.35 -13.47 13.53
C ARG F 67 6.78 -13.34 14.00
N VAL F 68 7.70 -13.06 13.08
CA VAL F 68 9.10 -12.88 13.41
C VAL F 68 9.33 -11.43 13.80
N THR F 69 9.71 -11.20 15.05
CA THR F 69 9.95 -9.85 15.56
C THR F 69 11.44 -9.72 15.88
N ILE F 70 12.22 -9.28 14.90
CA ILE F 70 13.66 -9.19 15.06
C ILE F 70 14.00 -7.98 15.91
N THR F 71 14.66 -8.21 17.04
CA THR F 71 15.11 -7.15 17.92
C THR F 71 16.61 -7.23 18.06
N ALA F 72 17.24 -6.09 18.36
CA ALA F 72 18.68 -6.04 18.54
C ALA F 72 19.02 -5.21 19.77
N ASP F 73 19.82 -5.77 20.67
CA ASP F 73 20.33 -5.07 21.84
C ASP F 73 21.78 -4.72 21.56
N GLU F 74 22.05 -3.45 21.29
CA GLU F 74 23.39 -3.03 20.88
C GLU F 74 24.38 -3.07 22.03
N SER F 75 23.90 -3.05 23.28
CA SER F 75 24.81 -3.05 24.43
C SER F 75 25.46 -4.43 24.61
N THR F 76 24.64 -5.47 24.77
CA THR F 76 25.15 -6.80 25.04
C THR F 76 25.47 -7.58 23.77
N SER F 77 25.23 -6.98 22.60
CA SER F 77 25.62 -7.52 21.28
C SER F 77 24.94 -8.84 20.96
N THR F 78 23.65 -8.96 21.27
CA THR F 78 22.85 -10.13 20.88
C THR F 78 21.66 -9.63 20.07
N ALA F 79 21.51 -10.13 18.86
CA ALA F 79 20.37 -9.79 18.00
C ALA F 79 19.38 -10.95 18.03
N TYR F 80 18.23 -10.73 18.63
CA TYR F 80 17.28 -11.82 18.85
C TYR F 80 16.47 -12.10 17.59
N MET F 81 15.63 -13.13 17.68
CA MET F 81 14.59 -13.39 16.68
C MET F 81 13.46 -14.09 17.41
N ASP F 82 12.49 -13.30 17.86
CA ASP F 82 11.41 -13.84 18.71
C ASP F 82 10.28 -14.32 17.82
N LEU F 83 10.50 -15.49 17.22
CA LEU F 83 9.48 -16.12 16.40
C LEU F 83 8.31 -16.57 17.25
N SER F 84 7.10 -16.29 16.78
CA SER F 84 5.92 -16.56 17.57
C SER F 84 4.93 -17.37 16.75
N SER F 85 3.96 -17.95 17.48
CA SER F 85 2.93 -18.85 16.94
C SER F 85 3.56 -20.02 16.19
N LEU F 86 4.33 -20.81 16.93
CA LEU F 86 5.08 -21.92 16.35
C LEU F 86 4.14 -23.03 15.92
N ARG F 87 4.54 -23.74 14.86
CA ARG F 87 3.80 -24.87 14.34
C ARG F 87 4.77 -26.02 14.14
N SER F 88 4.28 -27.11 13.58
CA SER F 88 5.16 -28.24 13.29
C SER F 88 5.83 -28.13 11.92
N GLU F 89 5.53 -27.07 11.16
CA GLU F 89 6.26 -26.78 9.94
C GLU F 89 7.47 -25.89 10.18
N ASP F 90 7.57 -25.29 11.36
CA ASP F 90 8.68 -24.40 11.69
C ASP F 90 9.88 -25.13 12.21
N THR F 91 9.91 -26.47 12.15
CA THR F 91 11.13 -27.20 12.46
C THR F 91 12.19 -26.89 11.42
N ALA F 92 13.27 -26.24 11.83
CA ALA F 92 14.16 -25.64 10.87
C ALA F 92 15.53 -25.48 11.51
N VAL F 93 16.44 -24.82 10.79
CA VAL F 93 17.77 -24.48 11.28
C VAL F 93 17.98 -23.01 10.96
N TYR F 94 17.90 -22.14 11.97
CA TYR F 94 17.88 -20.69 11.76
C TYR F 94 19.29 -20.15 11.91
N TYR F 95 19.80 -19.52 10.85
CA TYR F 95 21.14 -18.95 10.84
C TYR F 95 21.06 -17.44 10.94
N CYS F 96 22.15 -16.84 11.38
CA CYS F 96 22.32 -15.39 11.29
C CYS F 96 23.51 -15.09 10.40
N ALA F 97 23.53 -13.89 9.82
CA ALA F 97 24.56 -13.59 8.85
C ALA F 97 24.79 -12.09 8.77
N ARG F 98 26.04 -11.67 8.97
CA ARG F 98 26.45 -10.32 8.63
C ARG F 98 26.30 -10.11 7.12
N ASP F 99 26.02 -8.88 6.71
CA ASP F 99 25.66 -8.67 5.32
C ASP F 99 26.79 -8.10 4.48
N GLY F 100 28.01 -8.55 4.72
CA GLY F 100 29.04 -8.36 3.73
C GLY F 100 29.73 -7.02 3.78
N SER F 101 29.28 -6.09 2.93
CA SER F 101 30.00 -4.83 2.76
C SER F 101 29.52 -3.75 3.72
N SER F 102 28.26 -3.34 3.60
CA SER F 102 27.79 -2.14 4.27
C SER F 102 26.89 -2.48 5.45
N THR F 103 26.60 -1.45 6.23
CA THR F 103 25.71 -1.56 7.37
C THR F 103 24.45 -0.72 7.24
N TYR F 104 24.45 0.31 6.41
CA TYR F 104 23.23 1.09 6.20
C TYR F 104 22.39 0.50 5.07
N TYR F 105 23.00 0.19 3.94
CA TYR F 105 22.36 -0.52 2.83
C TYR F 105 22.87 -1.95 2.80
N PRO F 106 22.14 -2.89 3.38
CA PRO F 106 22.72 -4.22 3.63
C PRO F 106 22.58 -5.19 2.48
N HIS F 107 22.28 -4.69 1.28
CA HIS F 107 21.87 -5.54 0.15
C HIS F 107 23.07 -6.17 -0.53
N ASN F 108 23.67 -7.15 0.11
CA ASN F 108 24.90 -7.78 -0.39
C ASN F 108 24.91 -9.24 0.06
N TRP F 109 26.08 -9.87 0.01
CA TRP F 109 26.24 -11.28 0.34
C TRP F 109 26.28 -11.50 1.85
N PHE F 110 26.29 -12.77 2.25
CA PHE F 110 26.17 -13.14 3.66
C PHE F 110 27.47 -13.80 4.13
N ASP F 111 28.20 -13.14 5.01
CA ASP F 111 29.47 -13.64 5.52
C ASP F 111 29.84 -12.93 6.81
N PRO F 112 30.06 -13.63 7.94
CA PRO F 112 30.02 -15.05 8.32
C PRO F 112 28.62 -15.52 8.59
N TRP F 113 28.46 -16.74 9.08
CA TRP F 113 27.17 -17.40 9.03
C TRP F 113 26.72 -18.02 10.34
N GLY F 114 27.50 -17.91 11.40
CA GLY F 114 27.05 -18.47 12.66
C GLY F 114 27.13 -19.97 12.66
N GLN F 115 26.08 -20.61 13.19
CA GLN F 115 26.03 -22.05 13.31
C GLN F 115 24.58 -22.48 13.32
N GLY F 116 24.35 -23.78 13.48
CA GLY F 116 23.01 -24.34 13.42
C GLY F 116 22.26 -24.12 14.71
N THR F 117 20.96 -23.86 14.58
CA THR F 117 20.06 -23.72 15.72
C THR F 117 18.85 -24.59 15.45
N LEU F 118 18.94 -25.86 15.79
CA LEU F 118 17.92 -26.83 15.40
C LEU F 118 16.72 -26.67 16.32
N VAL F 119 15.77 -25.82 15.93
CA VAL F 119 14.56 -25.59 16.71
C VAL F 119 13.56 -26.65 16.28
N THR F 120 13.64 -27.82 16.91
CA THR F 120 12.75 -28.93 16.57
C THR F 120 11.42 -28.75 17.31
N VAL F 121 10.48 -28.11 16.62
CA VAL F 121 9.22 -27.73 17.24
C VAL F 121 8.26 -28.90 17.16
N SER F 122 8.21 -29.70 18.23
CA SER F 122 7.20 -30.75 18.37
C SER F 122 7.10 -31.10 19.85
N SER F 123 6.19 -32.02 20.17
CA SER F 123 5.99 -32.44 21.55
C SER F 123 6.36 -33.91 21.73
N GLN G 1 8.99 -17.15 -2.26
CA GLN G 1 10.13 -16.33 -1.86
C GLN G 1 11.32 -16.59 -2.76
N SER G 2 11.64 -17.88 -2.97
CA SER G 2 12.81 -18.28 -3.74
C SER G 2 12.59 -18.10 -5.24
N VAL G 3 12.63 -16.85 -5.70
CA VAL G 3 12.30 -16.54 -7.09
C VAL G 3 13.43 -16.96 -8.02
N LEU G 4 14.67 -16.97 -7.54
CA LEU G 4 15.80 -17.32 -8.40
C LEU G 4 15.78 -18.81 -8.71
N THR G 5 15.37 -19.15 -9.94
CA THR G 5 15.27 -20.53 -10.36
C THR G 5 16.64 -21.10 -10.68
N GLN G 6 16.75 -22.42 -10.55
CA GLN G 6 18.02 -23.10 -10.60
C GLN G 6 17.72 -24.57 -10.87
N PRO G 7 18.52 -25.26 -11.68
CA PRO G 7 18.23 -26.66 -11.99
C PRO G 7 18.39 -27.55 -10.77
N PRO G 8 17.61 -28.63 -10.66
CA PRO G 8 17.67 -29.44 -9.44
C PRO G 8 18.95 -30.26 -9.30
N SER G 9 19.45 -30.83 -10.40
CA SER G 9 20.66 -31.64 -10.35
C SER G 9 21.51 -31.39 -11.59
N VAL G 10 22.83 -31.39 -11.39
CA VAL G 10 23.78 -31.27 -12.49
C VAL G 10 24.86 -32.32 -12.26
N SER G 11 25.06 -33.20 -13.23
CA SER G 11 26.09 -34.22 -13.17
C SER G 11 27.29 -33.75 -13.99
N GLY G 12 28.31 -34.59 -14.09
CA GLY G 12 29.49 -34.22 -14.87
C GLY G 12 30.49 -35.35 -15.04
N ALA G 13 31.78 -35.01 -15.03
CA ALA G 13 32.85 -35.99 -15.14
C ALA G 13 34.09 -35.42 -14.49
N PRO G 14 34.98 -36.23 -13.92
CA PRO G 14 36.21 -35.68 -13.35
C PRO G 14 37.16 -35.18 -14.42
N GLY G 15 37.28 -33.86 -14.53
CA GLY G 15 38.01 -33.25 -15.61
C GLY G 15 37.09 -32.65 -16.65
N GLN G 16 35.90 -32.25 -16.22
CA GLN G 16 34.88 -31.69 -17.10
C GLN G 16 34.37 -30.39 -16.48
N ARG G 17 33.95 -29.47 -17.33
CA ARG G 17 33.45 -28.18 -16.88
C ARG G 17 31.93 -28.15 -16.96
N VAL G 18 31.28 -28.03 -15.82
CA VAL G 18 29.82 -28.07 -15.72
C VAL G 18 29.30 -26.67 -15.45
N THR G 19 28.05 -26.43 -15.81
CA THR G 19 27.42 -25.12 -15.70
C THR G 19 26.28 -25.15 -14.69
N ILE G 20 26.15 -24.05 -13.94
CA ILE G 20 25.07 -23.85 -12.99
C ILE G 20 24.47 -22.48 -13.28
N SER G 21 23.19 -22.44 -13.66
CA SER G 21 22.55 -21.23 -14.15
C SER G 21 21.53 -20.72 -13.14
N CYS G 22 21.43 -19.41 -13.04
CA CYS G 22 20.49 -18.74 -12.14
C CYS G 22 19.69 -17.76 -12.98
N THR G 23 18.43 -18.08 -13.25
CA THR G 23 17.59 -17.28 -14.14
C THR G 23 16.58 -16.51 -13.30
N GLY G 24 16.77 -15.21 -13.17
CA GLY G 24 15.92 -14.37 -12.35
C GLY G 24 14.96 -13.53 -13.15
N SER G 25 14.56 -12.41 -12.57
CA SER G 25 13.54 -11.55 -13.17
C SER G 25 14.04 -10.12 -13.27
N SER G 26 13.15 -9.20 -13.63
CA SER G 26 13.55 -7.81 -13.81
C SER G 26 13.70 -7.08 -12.49
N SER G 27 13.05 -7.58 -11.44
CA SER G 27 13.14 -6.90 -10.15
C SER G 27 14.41 -7.30 -9.40
N ASN G 28 14.81 -8.56 -9.49
CA ASN G 28 15.87 -9.05 -8.61
C ASN G 28 17.25 -8.99 -9.25
N ILE G 29 17.45 -9.62 -10.41
CA ILE G 29 18.78 -9.56 -11.03
C ILE G 29 18.91 -8.39 -11.99
N GLY G 30 17.92 -8.16 -12.84
CA GLY G 30 17.99 -7.12 -13.84
C GLY G 30 17.89 -5.71 -13.34
N SER G 31 17.66 -5.51 -12.04
CA SER G 31 17.67 -4.18 -11.43
C SER G 31 19.00 -3.87 -10.77
N GLY G 32 20.10 -4.33 -11.36
CA GLY G 32 21.43 -3.99 -10.91
C GLY G 32 21.94 -4.78 -9.72
N TYR G 33 21.07 -5.49 -9.01
CA TYR G 33 21.50 -6.26 -7.84
C TYR G 33 22.23 -7.51 -8.30
N ASP G 34 23.41 -7.73 -7.74
CA ASP G 34 24.31 -8.76 -8.24
C ASP G 34 23.86 -10.14 -7.76
N VAL G 35 24.67 -11.16 -8.07
CA VAL G 35 24.38 -12.55 -7.78
C VAL G 35 25.60 -13.18 -7.13
N HIS G 36 25.41 -13.79 -5.96
CA HIS G 36 26.50 -14.39 -5.21
C HIS G 36 26.20 -15.85 -4.90
N TRP G 37 27.25 -16.64 -4.71
CA TRP G 37 27.18 -18.09 -4.70
C TRP G 37 27.73 -18.67 -3.41
N TYR G 38 26.96 -19.56 -2.76
CA TYR G 38 27.37 -20.24 -1.54
C TYR G 38 27.53 -21.73 -1.81
N GLN G 39 28.40 -22.37 -1.03
CA GLN G 39 28.64 -23.81 -1.12
C GLN G 39 28.29 -24.46 0.21
N GLN G 40 27.55 -25.55 0.17
CA GLN G 40 27.09 -26.22 1.40
C GLN G 40 27.45 -27.70 1.34
N LEU G 41 28.48 -28.09 2.08
CA LEU G 41 28.75 -29.51 2.30
C LEU G 41 27.70 -30.06 3.27
N PRO G 42 27.23 -31.30 3.08
CA PRO G 42 26.07 -31.79 3.84
C PRO G 42 26.32 -31.98 5.32
N GLY G 43 25.70 -31.12 6.12
CA GLY G 43 25.81 -31.15 7.56
C GLY G 43 26.34 -29.89 8.21
N THR G 44 26.84 -28.93 7.42
CA THR G 44 27.47 -27.73 7.97
C THR G 44 26.68 -26.48 7.58
N ALA G 45 27.21 -25.34 7.99
CA ALA G 45 26.70 -24.05 7.52
C ALA G 45 27.32 -23.71 6.17
N PRO G 46 26.59 -23.01 5.30
CA PRO G 46 27.10 -22.76 3.95
C PRO G 46 28.31 -21.82 3.92
N LYS G 47 29.14 -22.01 2.89
CA LYS G 47 30.37 -21.26 2.68
C LYS G 47 30.07 -20.07 1.77
N LEU G 48 31.11 -19.44 1.22
CA LEU G 48 30.96 -18.36 0.25
C LEU G 48 32.00 -18.51 -0.84
N LEU G 49 31.55 -18.66 -2.09
CA LEU G 49 32.43 -18.90 -3.23
C LEU G 49 32.65 -17.68 -4.09
N ILE G 50 31.57 -17.08 -4.60
CA ILE G 50 31.64 -15.94 -5.50
C ILE G 50 30.82 -14.81 -4.90
N TYR G 51 31.38 -13.61 -4.90
CA TYR G 51 30.59 -12.43 -4.58
C TYR G 51 30.87 -11.34 -5.59
N GLY G 52 29.85 -10.54 -5.88
CA GLY G 52 29.96 -9.55 -6.93
C GLY G 52 30.04 -10.13 -8.32
N ASN G 53 29.59 -11.38 -8.48
CA ASN G 53 29.51 -12.21 -9.69
C ASN G 53 30.87 -12.66 -10.21
N SER G 54 31.97 -12.15 -9.67
CA SER G 54 33.26 -12.54 -10.19
C SER G 54 34.35 -12.77 -9.15
N ASN G 55 34.20 -12.29 -7.91
CA ASN G 55 35.32 -12.34 -6.99
C ASN G 55 35.42 -13.72 -6.34
N ARG G 56 36.48 -13.89 -5.56
CA ARG G 56 36.77 -15.15 -4.88
C ARG G 56 37.52 -14.85 -3.59
N PRO G 57 37.01 -15.27 -2.44
CA PRO G 57 37.76 -15.10 -1.19
C PRO G 57 38.89 -16.11 -1.09
N SER G 58 39.78 -15.84 -0.14
CA SER G 58 40.88 -16.76 0.14
C SER G 58 40.33 -17.99 0.85
N GLY G 59 40.40 -19.13 0.17
CA GLY G 59 39.84 -20.35 0.71
C GLY G 59 39.09 -21.16 -0.33
N VAL G 60 39.14 -20.71 -1.58
CA VAL G 60 38.52 -21.42 -2.69
C VAL G 60 39.61 -21.73 -3.72
N PRO G 61 39.55 -22.86 -4.41
CA PRO G 61 40.46 -23.07 -5.53
C PRO G 61 40.04 -22.26 -6.75
N ASP G 62 40.91 -22.27 -7.76
CA ASP G 62 40.68 -21.52 -8.98
C ASP G 62 39.72 -22.21 -9.94
N ARG G 63 39.17 -23.37 -9.56
CA ARG G 63 38.26 -24.07 -10.43
C ARG G 63 36.89 -23.39 -10.51
N PHE G 64 36.51 -22.65 -9.48
CA PHE G 64 35.19 -22.02 -9.44
C PHE G 64 35.26 -20.60 -10.00
N SER G 65 34.44 -20.33 -11.00
CA SER G 65 34.37 -19.00 -11.58
C SER G 65 32.94 -18.74 -12.03
N GLY G 66 32.55 -17.48 -12.07
CA GLY G 66 31.23 -17.09 -12.48
C GLY G 66 31.22 -15.76 -13.22
N SER G 67 30.08 -15.48 -13.85
CA SER G 67 29.84 -14.21 -14.51
C SER G 67 28.34 -14.03 -14.68
N LYS G 68 27.95 -12.81 -15.01
CA LYS G 68 26.55 -12.50 -15.27
C LYS G 68 26.44 -11.70 -16.57
N SER G 69 25.26 -11.77 -17.18
CA SER G 69 24.97 -11.05 -18.41
C SER G 69 23.47 -10.93 -18.55
N GLY G 70 22.96 -9.70 -18.63
CA GLY G 70 21.54 -9.48 -18.78
C GLY G 70 20.75 -9.84 -17.55
N THR G 71 20.02 -10.95 -17.61
CA THR G 71 19.21 -11.41 -16.49
C THR G 71 19.76 -12.67 -15.83
N SER G 72 20.50 -13.50 -16.57
CA SER G 72 20.97 -14.75 -16.04
C SER G 72 22.38 -14.61 -15.45
N ALA G 73 22.75 -15.58 -14.62
CA ALA G 73 24.08 -15.63 -14.02
C ALA G 73 24.54 -17.07 -14.01
N SER G 74 25.86 -17.26 -13.97
CA SER G 74 26.43 -18.58 -14.24
C SER G 74 27.50 -18.92 -13.22
N LEU G 75 27.79 -20.21 -13.10
CA LEU G 75 28.88 -20.75 -12.31
C LEU G 75 29.51 -21.92 -13.06
N ALA G 76 30.85 -21.96 -13.06
CA ALA G 76 31.58 -22.98 -13.79
C ALA G 76 32.53 -23.71 -12.86
N ILE G 77 32.49 -25.04 -12.92
CA ILE G 77 33.37 -25.89 -12.13
C ILE G 77 34.21 -26.70 -13.12
N THR G 78 35.43 -26.25 -13.38
CA THR G 78 36.33 -26.97 -14.27
C THR G 78 37.07 -28.04 -13.47
N GLY G 79 37.02 -29.28 -13.95
CA GLY G 79 37.73 -30.35 -13.26
C GLY G 79 37.11 -30.77 -11.94
N LEU G 80 35.97 -31.46 -12.00
CA LEU G 80 35.34 -32.00 -10.79
C LEU G 80 36.26 -33.00 -10.08
N GLN G 81 36.11 -33.06 -8.76
CA GLN G 81 36.82 -34.01 -7.92
C GLN G 81 35.87 -34.50 -6.85
N ALA G 82 36.42 -35.10 -5.81
CA ALA G 82 35.60 -35.58 -4.69
C ALA G 82 35.19 -34.48 -3.74
N GLU G 83 35.71 -33.26 -3.90
CA GLU G 83 35.36 -32.14 -3.03
C GLU G 83 34.46 -31.15 -3.72
N ASP G 84 33.69 -31.60 -4.70
CA ASP G 84 32.67 -30.79 -5.36
C ASP G 84 31.31 -31.46 -5.32
N GLU G 85 31.12 -32.40 -4.40
CA GLU G 85 29.88 -33.16 -4.33
C GLU G 85 29.04 -32.56 -3.21
N ALA G 86 28.46 -31.38 -3.48
CA ALA G 86 27.78 -30.61 -2.44
C ALA G 86 26.69 -29.74 -3.07
N ASP G 87 26.00 -28.99 -2.21
CA ASP G 87 24.89 -28.13 -2.61
C ASP G 87 25.39 -26.70 -2.82
N TYR G 88 24.98 -26.10 -3.93
CA TYR G 88 25.46 -24.78 -4.33
C TYR G 88 24.26 -23.85 -4.49
N TYR G 89 24.27 -22.72 -3.79
CA TYR G 89 23.10 -21.84 -3.72
C TYR G 89 23.39 -20.50 -4.37
N CYS G 90 22.31 -19.84 -4.81
CA CYS G 90 22.38 -18.60 -5.59
C CYS G 90 21.63 -17.51 -4.84
N GLN G 91 22.29 -16.38 -4.60
CA GLN G 91 21.75 -15.33 -3.73
C GLN G 91 21.73 -13.99 -4.45
N SER G 92 20.67 -13.22 -4.24
CA SER G 92 20.52 -11.88 -4.78
C SER G 92 19.49 -11.14 -3.95
N TYR G 93 19.10 -9.94 -4.40
CA TYR G 93 18.14 -9.11 -3.69
C TYR G 93 17.07 -8.54 -4.61
N ASP G 94 15.84 -8.51 -4.09
CA ASP G 94 14.72 -7.91 -4.78
C ASP G 94 14.78 -6.39 -4.71
N SER G 95 13.79 -5.74 -5.31
CA SER G 95 13.55 -4.33 -5.07
C SER G 95 12.61 -4.11 -3.90
N SER G 96 12.09 -5.18 -3.32
CA SER G 96 11.27 -5.11 -2.11
C SER G 96 12.10 -5.23 -0.85
N LEU G 97 13.41 -4.94 -0.95
CA LEU G 97 14.40 -5.00 0.12
C LEU G 97 14.49 -6.38 0.77
N SER G 98 14.10 -7.44 0.07
CA SER G 98 14.17 -8.80 0.54
C SER G 98 15.23 -9.56 -0.23
N GLY G 99 15.88 -10.51 0.43
CA GLY G 99 16.87 -11.36 -0.20
C GLY G 99 16.20 -12.59 -0.80
N VAL G 100 16.74 -13.05 -1.92
CA VAL G 100 16.22 -14.24 -2.58
C VAL G 100 17.32 -15.26 -2.68
N PHE G 101 16.98 -16.51 -2.35
CA PHE G 101 17.92 -17.62 -2.41
C PHE G 101 17.49 -18.55 -3.53
N GLY G 102 18.47 -19.11 -4.22
CA GLY G 102 18.18 -20.06 -5.27
C GLY G 102 17.62 -21.37 -4.74
N THR G 103 17.10 -22.16 -5.66
CA THR G 103 16.65 -23.50 -5.30
C THR G 103 17.83 -24.40 -4.97
N GLY G 104 18.93 -24.30 -5.72
CA GLY G 104 20.15 -24.94 -5.30
C GLY G 104 20.46 -26.24 -6.01
N THR G 105 21.54 -26.25 -6.80
CA THR G 105 21.94 -27.43 -7.53
C THR G 105 22.53 -28.47 -6.59
N LYS G 106 22.72 -29.66 -7.14
CA LYS G 106 23.36 -30.73 -6.39
C LYS G 106 24.30 -31.23 -7.45
N VAL G 107 25.61 -30.93 -7.26
CA VAL G 107 26.64 -31.34 -8.21
C VAL G 107 27.11 -32.75 -7.83
N THR G 108 26.91 -33.70 -8.74
CA THR G 108 27.36 -35.07 -8.53
C THR G 108 28.44 -35.42 -9.54
N VAL G 109 29.29 -36.37 -9.17
CA VAL G 109 30.37 -36.84 -10.02
C VAL G 109 29.98 -38.19 -10.60
N LEU G 110 30.70 -38.58 -11.65
CA LEU G 110 30.40 -39.82 -12.37
C LEU G 110 31.50 -40.86 -12.22
C1 NAG H . 13.41 10.98 -20.79
C2 NAG H . 14.89 11.35 -20.97
C3 NAG H . 15.02 12.66 -21.75
C4 NAG H . 14.24 12.58 -23.07
C5 NAG H . 12.79 12.20 -22.79
C6 NAG H . 11.98 12.00 -24.05
C7 NAG H . 16.64 10.75 -19.33
C8 NAG H . 17.18 9.79 -20.34
N2 NAG H . 15.55 11.46 -19.68
O3 NAG H . 16.39 12.91 -22.03
O4 NAG H . 14.27 13.85 -23.73
O5 NAG H . 12.75 10.95 -22.08
O6 NAG H . 11.40 10.70 -24.10
O7 NAG H . 17.16 10.89 -18.22
#